data_8CSG
#
_entry.id   8CSG
#
_cell.length_a   100.662
_cell.length_b   137.181
_cell.length_c   177.890
_cell.angle_alpha   90.000
_cell.angle_beta   90.000
_cell.angle_gamma   90.000
#
_symmetry.space_group_name_H-M   'I 2 2 2'
#
loop_
_entity.id
_entity.type
_entity.pdbx_description
1 polymer 'Protein arginine N-methyltransferase 5'
2 polymer 'Methylosome protein 50'
3 non-polymer 6-bromo-1H-pyrrolo[3,2-b]pyridin-5-amine
4 non-polymer "5'-DEOXY-5'-METHYLTHIOADENOSINE"
5 non-polymer DI(HYDROXYETHYL)ETHER
6 non-polymer 1,2-ETHANEDIOL
7 water water
#
loop_
_entity_poly.entity_id
_entity_poly.type
_entity_poly.pdbx_seq_one_letter_code
_entity_poly.pdbx_strand_id
1 'polypeptide(L)'
;MDYKDDDDKAAMAVGGAGGSRVSSGRDLNCVPEIADTLGAVAKQGFDFLCMPVFHPRFKREFIQEPAKNRPGPQTRSDLL
LSGRDWNTLIVGKLSPWIRPDSKVEKIRRNSEAAMLQELNFGAYLGLPAFLLPLNQEDNTNLARVLTNHIHTGHHSSMFW
MRVPLVAPEDLRDDIIENAPTTHTEEYSGEEKTWMWWHNFRTLCDYSKRIAVALEIGADLPSNHVIDRWLGEPIKAAILP
TSIFLTNKKGFPVLSKMHQRLIFRLLKLEVQFIITGTNHHSEKEFCSYLQYLEYLSQNRPPPNAYELFAKGYEDYLQSPL
QPLMDNLESQTYEVFEKDPIKYSQYQQAIYKCLLDRVPEEEKDTNVQVLMVLGAGRGPLVNASLRAAKQADRRIKLYAVE
KNPNAVVTLENWQFEEWGSQVTVVSSDMREWVAPEKADIIVSELLGSFADNELSPECLDGAQHFLKDDGVSIPGEYTSFL
APISSSKLYNEVRACREKDRDPEAQFEMPYVVRLHNFHQLSAPQPCFTFSHPNRDPMIDNNRYCTLEFPVEVNTVLHGFA
GYFETVLYQDITLSIRPETHSPGMFSWFPILFPIKQPITVREGQTICVRFWRCSNSKKVWYEWAVTAPVCSAIHNPTGRS
YTIGL
;
A
2 'polypeptide(L)'
;MHHHHHHHHRKETPPPLVPPAAREWNLPPNAPACMERQLEAARYRSDGALLLGASSLSGRCWAGSLWLFKDPCAAPNEGF
CSAGVQTEAGVADLTWVGERGILVASDSGAVELWELDENETLIVSKFCKYEHDDIVSTVSVLSSGTQAVSGSKDICIKVW
DLAQQVVLSSYRAHAAQVTCVAASPHKDSVFLSCSEDNRILLWDTRCPKPASQIGCSAPGYLPTSLAWHPQQSEVFVFGD
ENGTVSLVDTKSTSCVLSSAVHSQCVTGLVFSPHSVPFLASLSEDCSLAVLDSSLSELFRSQAHRDFVRDATWSPLNHSL
LTTVGWDHQVVHHVVPTEPLPAPGPASVTE
;
B
#
# COMPACT_ATOMS: atom_id res chain seq x y z
N ARG A 21 -20.28 -1.94 -3.72
CA ARG A 21 -19.86 -1.40 -2.39
C ARG A 21 -18.34 -1.12 -2.34
N VAL A 22 -17.95 0.10 -2.73
CA VAL A 22 -16.56 0.57 -2.61
C VAL A 22 -16.44 1.11 -1.19
N SER A 23 -15.56 0.51 -0.39
CA SER A 23 -15.22 1.04 0.94
C SER A 23 -14.21 2.18 0.74
N SER A 24 -14.53 3.34 1.31
CA SER A 24 -13.89 4.61 0.91
C SER A 24 -13.55 5.49 2.12
N GLY A 25 -12.36 6.11 2.09
CA GLY A 25 -11.88 7.01 3.14
C GLY A 25 -11.49 8.40 2.64
N ARG A 26 -11.43 9.36 3.56
CA ARG A 26 -10.98 10.72 3.27
C ARG A 26 -9.71 10.98 4.06
N ASP A 27 -8.63 11.35 3.36
CA ASP A 27 -7.38 11.77 3.98
C ASP A 27 -7.43 13.29 4.15
N LEU A 28 -7.20 13.77 5.38
CA LEU A 28 -7.06 15.19 5.69
C LEU A 28 -5.84 15.39 6.58
N ASN A 29 -5.14 16.51 6.42
CA ASN A 29 -4.15 17.00 7.39
C ASN A 29 -4.67 18.21 8.18
N CYS A 30 -5.90 18.68 7.88
CA CYS A 30 -6.53 19.79 8.56
C CYS A 30 -7.89 19.35 9.12
N VAL A 31 -7.96 19.26 10.46
CA VAL A 31 -9.18 18.89 11.19
C VAL A 31 -9.34 19.91 12.34
N PRO A 32 -10.08 21.02 12.10
CA PRO A 32 -10.31 21.99 13.18
C PRO A 32 -11.28 21.48 14.25
N GLU A 33 -12.50 21.13 13.86
CA GLU A 33 -13.53 20.62 14.76
C GLU A 33 -13.80 19.16 14.34
N ILE A 34 -13.16 18.25 15.07
CA ILE A 34 -13.22 16.77 14.85
C ILE A 34 -14.61 16.15 14.55
N ALA A 35 -15.64 16.60 15.24
CA ALA A 35 -17.00 16.11 15.06
C ALA A 35 -17.61 16.64 13.77
N ASP A 36 -17.41 17.94 13.51
CA ASP A 36 -17.91 18.62 12.29
C ASP A 36 -17.26 18.11 11.01
N THR A 37 -15.94 17.90 11.09
CA THR A 37 -15.15 17.34 9.99
C THR A 37 -15.66 15.95 9.65
N LEU A 38 -15.70 15.10 10.66
CA LEU A 38 -16.24 13.74 10.54
C LEU A 38 -17.67 13.73 9.96
N GLY A 39 -18.51 14.65 10.43
CA GLY A 39 -19.89 14.80 9.94
C GLY A 39 -20.03 15.22 8.49
N ALA A 40 -19.20 16.18 8.07
CA ALA A 40 -19.11 16.59 6.66
C ALA A 40 -18.61 15.44 5.77
N VAL A 41 -17.57 14.76 6.24
CA VAL A 41 -17.00 13.58 5.57
C VAL A 41 -18.02 12.44 5.45
N ALA A 42 -18.83 12.22 6.49
CA ALA A 42 -19.90 11.23 6.45
C ALA A 42 -21.00 11.58 5.44
N LYS A 43 -21.42 12.85 5.42
CA LYS A 43 -22.39 13.38 4.41
C LYS A 43 -21.88 13.27 2.96
N GLN A 44 -20.58 13.43 2.76
CA GLN A 44 -19.93 13.22 1.44
C GLN A 44 -19.96 11.77 0.89
N GLY A 45 -20.21 10.78 1.76
CA GLY A 45 -20.32 9.35 1.39
C GLY A 45 -19.20 8.46 1.91
N PHE A 46 -18.19 9.03 2.58
CA PHE A 46 -17.02 8.29 3.05
C PHE A 46 -17.30 7.40 4.26
N ASP A 47 -16.70 6.22 4.28
CA ASP A 47 -16.82 5.27 5.39
C ASP A 47 -15.89 5.56 6.56
N PHE A 48 -14.82 6.31 6.33
CA PHE A 48 -13.85 6.65 7.38
C PHE A 48 -13.00 7.87 7.02
N LEU A 49 -12.28 8.36 8.02
CA LEU A 49 -11.50 9.59 7.95
C LEU A 49 -10.10 9.29 8.41
N CYS A 50 -9.11 9.42 7.53
CA CYS A 50 -7.70 9.50 7.96
C CYS A 50 -7.40 10.93 8.41
N MET A 51 -6.77 11.05 9.58
CA MET A 51 -6.48 12.35 10.17
C MET A 51 -5.37 12.21 11.18
N PRO A 52 -4.68 13.31 11.49
CA PRO A 52 -3.64 13.22 12.50
C PRO A 52 -4.25 13.20 13.90
N VAL A 53 -3.53 12.59 14.83
CA VAL A 53 -4.01 12.41 16.21
C VAL A 53 -3.44 13.44 17.19
N PHE A 54 -2.23 13.93 16.90
CA PHE A 54 -1.68 15.18 17.41
C PHE A 54 -1.67 16.15 16.25
N HIS A 55 -1.65 17.47 16.50
CA HIS A 55 -1.63 18.47 15.41
C HIS A 55 -0.32 18.34 14.60
N PRO A 56 -0.41 18.27 13.26
CA PRO A 56 0.78 17.90 12.45
C PRO A 56 1.94 18.90 12.43
N ARG A 57 1.68 20.17 12.71
CA ARG A 57 2.72 21.18 13.07
C ARG A 57 3.14 21.28 14.54
N PHE A 58 2.45 20.60 15.45
CA PHE A 58 2.75 20.66 16.89
C PHE A 58 3.94 19.77 17.21
N LYS A 59 5.12 20.31 16.93
CA LYS A 59 6.38 19.62 17.17
C LYS A 59 6.66 19.66 18.67
N ARG A 60 7.21 18.57 19.19
CA ARG A 60 7.31 18.31 20.63
C ARG A 60 8.73 17.87 20.99
N GLU A 61 9.29 18.51 22.01
CA GLU A 61 10.61 18.22 22.57
C GLU A 61 10.44 17.25 23.75
N PHE A 62 11.35 16.28 23.84
CA PHE A 62 11.37 15.29 24.93
C PHE A 62 12.61 15.31 25.83
N ILE A 63 13.73 15.89 25.35
CA ILE A 63 15.02 15.86 26.03
C ILE A 63 15.33 17.26 26.61
N GLN A 64 15.50 18.24 25.72
CA GLN A 64 16.03 19.57 26.08
C GLN A 64 14.98 20.47 26.76
N GLU A 65 15.35 21.02 27.91
CA GLU A 65 14.59 22.12 28.53
C GLU A 65 14.82 23.41 27.71
N PRO A 66 13.92 24.39 27.72
CA PRO A 66 12.65 24.43 28.48
C PRO A 66 11.44 23.82 27.78
N ALA A 67 11.53 23.59 26.47
CA ALA A 67 10.41 23.09 25.68
C ALA A 67 9.90 21.70 26.06
N LYS A 68 10.76 20.86 26.67
CA LYS A 68 10.31 19.52 27.16
C LYS A 68 9.20 19.62 28.21
N ASN A 69 9.24 20.68 29.01
CA ASN A 69 8.23 20.93 30.06
C ASN A 69 7.00 21.75 29.58
N ARG A 70 6.74 21.81 28.26
CA ARG A 70 5.55 22.47 27.71
C ARG A 70 4.23 22.03 28.39
N PRO A 71 3.41 22.98 28.92
CA PRO A 71 2.13 22.58 29.50
C PRO A 71 1.20 21.91 28.49
N GLY A 72 0.52 20.85 28.92
CA GLY A 72 -0.50 20.18 28.11
C GLY A 72 -1.80 20.95 28.12
N PRO A 73 -2.87 20.44 27.49
CA PRO A 73 -2.96 19.08 26.93
C PRO A 73 -2.20 18.92 25.62
N GLN A 74 -1.50 17.79 25.45
CA GLN A 74 -0.65 17.54 24.29
C GLN A 74 -1.43 17.26 23.00
N THR A 75 -2.72 16.89 23.11
CA THR A 75 -3.62 16.81 21.95
C THR A 75 -5.13 16.90 22.32
N ARG A 76 -5.99 16.68 21.32
CA ARG A 76 -7.45 16.52 21.49
C ARG A 76 -7.84 15.35 22.39
N SER A 77 -9.00 15.48 23.04
CA SER A 77 -9.52 14.44 23.94
C SER A 77 -10.17 13.26 23.21
N ASP A 78 -9.92 12.06 23.73
CA ASP A 78 -10.67 10.84 23.38
C ASP A 78 -12.17 10.91 23.60
N LEU A 79 -12.62 11.74 24.55
CA LEU A 79 -14.05 12.01 24.78
C LEU A 79 -14.81 12.74 23.66
N LEU A 80 -14.10 13.34 22.70
CA LEU A 80 -14.75 14.06 21.58
C LEU A 80 -15.53 13.16 20.62
N LEU A 81 -15.13 11.88 20.51
CA LEU A 81 -15.91 10.86 19.80
C LEU A 81 -16.26 9.68 20.70
N SER A 82 -17.22 8.88 20.26
CA SER A 82 -17.55 7.60 20.90
C SER A 82 -16.43 6.58 20.61
N GLY A 83 -16.28 5.61 21.51
CA GLY A 83 -15.40 4.46 21.31
C GLY A 83 -15.65 3.75 19.99
N ARG A 84 -16.94 3.52 19.68
CA ARG A 84 -17.37 2.98 18.37
C ARG A 84 -16.85 3.78 17.15
N ASP A 85 -16.91 5.12 17.21
CA ASP A 85 -16.38 5.99 16.13
C ASP A 85 -14.87 5.91 16.01
N TRP A 86 -14.17 5.91 17.14
CA TRP A 86 -12.72 5.71 17.14
C TRP A 86 -12.34 4.36 16.51
N ASN A 87 -13.06 3.29 16.85
CA ASN A 87 -12.81 1.92 16.32
C ASN A 87 -13.12 1.70 14.84
N THR A 88 -14.15 2.36 14.31
CA THR A 88 -14.62 2.14 12.94
C THR A 88 -14.30 3.25 11.94
N LEU A 89 -14.37 4.51 12.39
CA LEU A 89 -14.35 5.67 11.48
C LEU A 89 -13.05 6.47 11.35
N ILE A 90 -12.05 6.24 12.22
CA ILE A 90 -10.86 7.10 12.30
C ILE A 90 -9.59 6.29 12.06
N VAL A 91 -8.83 6.65 11.01
CA VAL A 91 -7.47 6.14 10.76
C VAL A 91 -6.48 7.23 11.20
N GLY A 92 -5.57 6.87 12.11
CA GLY A 92 -4.55 7.81 12.59
C GLY A 92 -3.46 8.03 11.57
N LYS A 93 -2.78 9.17 11.66
CA LYS A 93 -1.63 9.46 10.79
C LYS A 93 -0.44 9.90 11.60
N LEU A 94 0.73 9.33 11.30
CA LEU A 94 1.96 9.80 11.92
C LEU A 94 2.19 11.26 11.49
N SER A 95 2.62 12.07 12.44
CA SER A 95 2.88 13.48 12.18
C SER A 95 4.06 13.57 11.20
N PRO A 96 3.94 14.47 10.20
CA PRO A 96 4.93 14.51 9.13
C PRO A 96 6.33 14.99 9.57
N TRP A 97 6.44 15.75 10.67
CA TRP A 97 7.76 16.06 11.27
C TRP A 97 8.52 14.88 11.93
N ILE A 98 7.86 13.75 12.19
CA ILE A 98 8.52 12.60 12.84
C ILE A 98 9.43 11.93 11.81
N ARG A 99 10.74 12.12 12.02
CA ARG A 99 11.78 11.55 11.18
C ARG A 99 12.68 10.73 12.08
N PRO A 100 12.36 9.43 12.29
CA PRO A 100 13.31 8.64 13.07
C PRO A 100 14.61 8.25 12.35
N ASP A 101 14.70 8.42 11.03
CA ASP A 101 15.98 8.20 10.32
C ASP A 101 16.77 9.44 9.95
N SER A 102 16.41 10.59 10.53
CA SER A 102 17.17 11.84 10.38
C SER A 102 18.66 11.65 10.67
N LYS A 103 19.49 12.34 9.89
CA LYS A 103 20.93 12.41 10.12
C LYS A 103 21.29 13.19 11.41
N VAL A 104 20.37 14.02 11.92
CA VAL A 104 20.56 14.75 13.17
C VAL A 104 20.11 13.88 14.35
N GLU A 105 21.03 13.56 15.27
CA GLU A 105 20.73 12.74 16.47
C GLU A 105 19.53 13.20 17.29
N LYS A 106 19.42 14.49 17.52
CA LYS A 106 18.33 15.06 18.33
C LYS A 106 16.95 14.91 17.68
N ILE A 107 16.89 15.08 16.36
CA ILE A 107 15.64 14.84 15.60
C ILE A 107 15.33 13.36 15.65
N ARG A 108 16.36 12.52 15.55
CA ARG A 108 16.24 11.07 15.66
C ARG A 108 15.55 10.73 17.00
N ARG A 109 16.12 11.18 18.12
CA ARG A 109 15.61 10.90 19.49
C ARG A 109 14.22 11.46 19.80
N ASN A 110 13.98 12.71 19.45
CA ASN A 110 12.64 13.31 19.61
C ASN A 110 11.59 12.59 18.76
N SER A 111 11.96 12.25 17.52
CA SER A 111 11.05 11.51 16.62
C SER A 111 10.74 10.09 17.10
N GLU A 112 11.72 9.41 17.70
CA GLU A 112 11.52 8.11 18.35
C GLU A 112 10.42 8.24 19.43
N ALA A 113 10.66 9.12 20.41
CA ALA A 113 9.70 9.36 21.52
C ALA A 113 8.32 9.74 20.99
N ALA A 114 8.29 10.66 20.04
CA ALA A 114 7.05 11.13 19.41
C ALA A 114 6.30 10.09 18.59
N MET A 115 7.04 9.17 17.95
CA MET A 115 6.42 8.07 17.19
C MET A 115 5.71 7.09 18.10
N LEU A 116 6.42 6.64 19.13
CA LEU A 116 5.86 5.78 20.18
C LEU A 116 4.68 6.47 20.85
N GLN A 117 4.80 7.77 21.11
CA GLN A 117 3.71 8.54 21.71
C GLN A 117 2.45 8.52 20.83
N GLU A 118 2.63 8.76 19.54
CA GLU A 118 1.50 8.82 18.61
C GLU A 118 0.88 7.46 18.36
N LEU A 119 1.73 6.45 18.21
CA LEU A 119 1.26 5.07 18.04
C LEU A 119 0.48 4.58 19.25
N ASN A 120 1.06 4.79 20.43
CA ASN A 120 0.43 4.44 21.69
C ASN A 120 -0.89 5.18 21.94
N PHE A 121 -0.98 6.44 21.52
CA PHE A 121 -2.24 7.17 21.56
C PHE A 121 -3.30 6.60 20.60
N GLY A 122 -2.90 6.22 19.40
CA GLY A 122 -3.81 5.51 18.48
C GLY A 122 -4.31 4.17 19.02
N ALA A 123 -3.42 3.45 19.68
CA ALA A 123 -3.78 2.21 20.41
C ALA A 123 -4.69 2.48 21.61
N TYR A 124 -4.45 3.58 22.32
CA TYR A 124 -5.32 4.02 23.42
C TYR A 124 -6.76 4.27 22.97
N LEU A 125 -6.89 4.89 21.80
CA LEU A 125 -8.18 5.10 21.14
C LEU A 125 -8.79 3.86 20.46
N GLY A 126 -7.98 2.83 20.20
CA GLY A 126 -8.45 1.60 19.58
C GLY A 126 -8.72 1.77 18.10
N LEU A 127 -7.86 2.54 17.42
CA LEU A 127 -8.06 2.87 15.99
C LEU A 127 -7.81 1.61 15.13
N PRO A 128 -8.67 1.34 14.12
CA PRO A 128 -8.52 0.14 13.29
C PRO A 128 -7.27 0.12 12.43
N ALA A 129 -6.80 1.29 11.99
CA ALA A 129 -5.51 1.43 11.32
C ALA A 129 -4.83 2.75 11.61
N PHE A 130 -3.53 2.78 11.32
CA PHE A 130 -2.67 3.95 11.56
C PHE A 130 -1.67 4.06 10.37
N LEU A 131 -1.55 5.25 9.79
CA LEU A 131 -0.75 5.50 8.58
C LEU A 131 0.67 5.96 8.91
N LEU A 132 1.65 5.41 8.21
CA LEU A 132 3.06 5.83 8.31
C LEU A 132 3.68 5.94 6.94
N PRO A 133 4.49 6.99 6.67
CA PRO A 133 5.09 7.10 5.33
C PRO A 133 6.34 6.25 5.12
N LEU A 134 6.48 5.72 3.91
CA LEU A 134 7.77 5.41 3.33
C LEU A 134 7.94 6.42 2.20
N ASN A 135 8.79 7.43 2.46
CA ASN A 135 9.10 8.51 1.49
C ASN A 135 10.61 8.74 1.23
N GLN A 136 11.46 7.90 1.81
CA GLN A 136 12.89 7.85 1.52
C GLN A 136 13.34 6.36 1.54
N GLU A 137 14.60 6.12 1.19
CA GLU A 137 15.15 4.77 1.15
C GLU A 137 15.38 4.16 2.53
N ASP A 138 15.99 4.92 3.44
CA ASP A 138 16.40 4.41 4.75
C ASP A 138 15.30 4.68 5.79
N ASN A 139 14.49 3.65 6.06
CA ASN A 139 13.46 3.68 7.12
C ASN A 139 13.74 2.65 8.22
N THR A 140 15.02 2.46 8.51
CA THR A 140 15.50 1.37 9.34
C THR A 140 15.08 1.61 10.80
N ASN A 141 15.35 2.79 11.31
CA ASN A 141 14.95 3.17 12.66
C ASN A 141 13.43 3.35 12.80
N LEU A 142 12.74 3.79 11.75
CA LEU A 142 11.24 3.82 11.74
C LEU A 142 10.66 2.41 11.93
N ALA A 143 11.23 1.45 11.19
CA ALA A 143 10.90 0.02 11.36
C ALA A 143 11.16 -0.47 12.78
N ARG A 144 12.32 -0.10 13.35
CA ARG A 144 12.70 -0.56 14.68
C ARG A 144 11.70 -0.11 15.73
N VAL A 145 11.38 1.18 15.68
CA VAL A 145 10.41 1.78 16.59
C VAL A 145 9.01 1.18 16.36
N LEU A 146 8.60 0.94 15.11
CA LEU A 146 7.31 0.27 14.86
C LEU A 146 7.27 -1.14 15.45
N THR A 147 8.39 -1.86 15.37
CA THR A 147 8.52 -3.18 15.93
C THR A 147 8.48 -3.11 17.45
N ASN A 148 9.19 -2.15 18.05
CA ASN A 148 9.13 -1.89 19.48
C ASN A 148 7.66 -1.73 19.96
N HIS A 149 6.88 -0.92 19.23
CA HIS A 149 5.46 -0.70 19.52
C HIS A 149 4.63 -1.99 19.41
N ILE A 150 4.79 -2.68 18.28
CA ILE A 150 4.17 -4.00 18.02
C ILE A 150 4.33 -5.02 19.17
N HIS A 151 5.47 -5.00 19.87
CA HIS A 151 5.75 -5.86 21.04
C HIS A 151 5.57 -5.10 22.38
N THR A 152 4.53 -4.28 22.47
CA THR A 152 4.26 -3.44 23.65
C THR A 152 2.74 -3.26 23.71
N GLY A 153 2.10 -3.95 24.67
CA GLY A 153 0.64 -4.08 24.73
C GLY A 153 0.13 -5.19 23.81
N HIS A 154 -1.14 -5.56 24.01
CA HIS A 154 -1.76 -6.73 23.34
C HIS A 154 -2.70 -6.40 22.15
N HIS A 155 -2.98 -5.11 21.93
CA HIS A 155 -3.70 -4.52 20.75
C HIS A 155 -3.52 -5.11 19.32
N SER A 156 -4.44 -4.74 18.40
CA SER A 156 -4.44 -5.23 17.00
C SER A 156 -4.85 -4.17 15.91
N SER A 157 -4.25 -2.99 16.01
CA SER A 157 -4.32 -1.95 14.97
C SER A 157 -3.51 -2.37 13.72
N MET A 158 -4.05 -2.08 12.53
CA MET A 158 -3.30 -2.23 11.28
C MET A 158 -2.37 -1.04 11.06
N PHE A 159 -1.22 -1.29 10.48
CA PHE A 159 -0.25 -0.25 10.11
C PHE A 159 -0.16 -0.19 8.61
N TRP A 160 -0.69 0.89 8.05
CA TRP A 160 -0.73 1.12 6.62
C TRP A 160 0.49 1.95 6.22
N MET A 161 1.46 1.30 5.57
CA MET A 161 2.68 1.97 5.10
C MET A 161 2.41 2.71 3.80
N ARG A 162 2.38 4.04 3.88
CA ARG A 162 2.08 4.92 2.76
C ARG A 162 3.29 5.08 1.86
N VAL A 163 3.26 4.42 0.71
CA VAL A 163 4.39 4.33 -0.20
C VAL A 163 3.86 4.63 -1.62
N PRO A 164 4.59 5.46 -2.40
CA PRO A 164 4.10 5.75 -3.76
C PRO A 164 4.62 4.76 -4.80
N LEU A 165 3.83 4.53 -5.86
CA LEU A 165 4.31 3.87 -7.10
C LEU A 165 5.59 4.48 -7.64
N VAL A 166 5.62 5.82 -7.65
CA VAL A 166 6.75 6.60 -8.18
C VAL A 166 7.15 7.58 -7.10
N ALA A 167 8.43 7.51 -6.70
CA ALA A 167 9.02 8.45 -5.73
C ALA A 167 8.88 9.89 -6.20
N PRO A 168 8.62 10.85 -5.28
CA PRO A 168 8.57 12.29 -5.62
C PRO A 168 9.76 12.79 -6.47
N GLU A 169 10.96 12.37 -6.06
CA GLU A 169 12.21 12.67 -6.77
C GLU A 169 12.20 12.26 -8.26
N ASP A 170 11.51 11.16 -8.56
CA ASP A 170 11.42 10.61 -9.92
C ASP A 170 10.20 11.04 -10.73
N LEU A 171 9.25 11.79 -10.12
CA LEU A 171 8.16 12.42 -10.90
C LEU A 171 8.22 13.95 -10.94
N ARG A 172 9.30 14.54 -10.42
CA ARG A 172 9.45 16.00 -10.35
C ARG A 172 9.47 16.64 -11.72
N ASP A 173 8.93 17.86 -11.79
CA ASP A 173 9.04 18.72 -12.99
C ASP A 173 10.50 18.96 -13.34
N ASP A 174 10.80 19.02 -14.64
CA ASP A 174 12.17 19.09 -15.16
C ASP A 174 12.58 20.57 -15.26
N ILE A 175 12.68 21.18 -14.07
CA ILE A 175 12.79 22.64 -13.93
C ILE A 175 14.01 23.15 -13.13
N ILE A 176 14.81 22.24 -12.55
CA ILE A 176 16.12 22.59 -11.99
C ILE A 176 17.05 22.55 -13.20
N GLU A 177 17.52 23.74 -13.60
CA GLU A 177 18.45 23.92 -14.74
C GLU A 177 19.70 23.02 -14.61
N ASN A 178 20.37 23.11 -13.47
CA ASN A 178 21.63 22.38 -13.19
C ASN A 178 21.48 20.97 -12.54
N ALA A 179 20.25 20.48 -12.42
CA ALA A 179 19.94 19.10 -11.98
C ALA A 179 18.81 18.55 -12.87
N PRO A 180 19.13 18.22 -14.15
CA PRO A 180 18.10 17.67 -15.05
C PRO A 180 17.61 16.30 -14.61
N THR A 181 16.33 16.02 -14.87
CA THR A 181 15.72 14.72 -14.58
C THR A 181 16.21 13.74 -15.64
N THR A 182 16.55 12.53 -15.21
CA THR A 182 17.08 11.48 -16.11
C THR A 182 16.07 11.15 -17.23
N HIS A 183 16.52 11.23 -18.49
CA HIS A 183 15.73 10.85 -19.67
C HIS A 183 16.00 9.38 -20.12
N THR A 184 16.84 8.65 -19.38
CA THR A 184 17.12 7.22 -19.60
C THR A 184 16.16 6.35 -18.77
N GLU A 185 15.77 5.20 -19.32
CA GLU A 185 15.06 4.17 -18.56
C GLU A 185 16.04 3.54 -17.55
N GLU A 186 15.62 3.47 -16.28
CA GLU A 186 16.36 2.76 -15.22
C GLU A 186 15.41 1.72 -14.63
N TYR A 187 15.56 0.47 -15.10
CA TYR A 187 14.56 -0.58 -14.89
C TYR A 187 14.39 -0.86 -13.39
N SER A 188 15.50 -1.20 -12.75
CA SER A 188 15.51 -1.45 -11.29
C SER A 188 15.26 -0.16 -10.53
N GLY A 189 15.92 0.92 -10.95
CA GLY A 189 15.71 2.27 -10.38
C GLY A 189 14.27 2.74 -10.31
N GLU A 190 13.50 2.49 -11.37
CA GLU A 190 12.06 2.86 -11.42
C GLU A 190 11.16 2.04 -10.49
N GLU A 191 11.67 0.91 -10.00
CA GLU A 191 11.02 0.11 -8.97
C GLU A 191 11.49 0.41 -7.54
N LYS A 192 12.24 1.48 -7.31
CA LYS A 192 12.88 1.74 -6.00
C LYS A 192 11.93 1.73 -4.79
N THR A 193 10.69 2.19 -4.96
CA THR A 193 9.73 2.28 -3.88
C THR A 193 9.18 0.93 -3.42
N TRP A 194 9.19 -0.07 -4.31
CA TRP A 194 9.01 -1.45 -3.90
C TRP A 194 10.13 -1.85 -2.92
N MET A 195 11.39 -1.54 -3.23
CA MET A 195 12.52 -1.88 -2.33
CA MET A 195 12.53 -1.85 -2.34
C MET A 195 12.41 -1.18 -0.96
N TRP A 196 11.84 0.03 -0.95
CA TRP A 196 11.54 0.74 0.29
C TRP A 196 10.55 -0.07 1.16
N TRP A 197 9.52 -0.58 0.49
CA TRP A 197 8.51 -1.44 1.11
C TRP A 197 9.10 -2.75 1.58
N HIS A 198 9.80 -3.43 0.68
CA HIS A 198 10.39 -4.76 0.93
C HIS A 198 11.32 -4.73 2.13
N ASN A 199 12.25 -3.79 2.11
CA ASN A 199 13.19 -3.63 3.23
C ASN A 199 12.49 -3.30 4.53
N PHE A 200 11.43 -2.47 4.48
CA PHE A 200 10.67 -2.15 5.68
C PHE A 200 10.01 -3.38 6.30
N ARG A 201 9.13 -4.03 5.56
CA ARG A 201 8.49 -5.29 6.02
C ARG A 201 9.43 -6.45 6.37
N THR A 202 10.58 -6.55 5.70
CA THR A 202 11.61 -7.56 6.03
C THR A 202 12.19 -7.28 7.40
N LEU A 203 12.58 -6.02 7.64
CA LEU A 203 13.07 -5.55 8.94
C LEU A 203 12.07 -5.80 10.07
N CYS A 204 10.79 -5.53 9.82
CA CYS A 204 9.70 -5.80 10.77
C CYS A 204 9.16 -7.24 10.77
N ASP A 205 9.91 -8.19 10.19
CA ASP A 205 9.70 -9.63 10.34
C ASP A 205 8.37 -10.08 9.72
N TYR A 206 7.97 -9.48 8.60
CA TYR A 206 6.74 -9.84 7.87
C TYR A 206 5.51 -9.91 8.79
N SER A 207 5.33 -8.90 9.64
CA SER A 207 4.18 -8.83 10.54
C SER A 207 2.91 -8.76 9.72
N LYS A 208 1.91 -9.58 10.06
CA LYS A 208 0.54 -9.50 9.48
C LYS A 208 -0.13 -8.12 9.61
N ARG A 209 0.27 -7.36 10.62
CA ARG A 209 -0.26 -6.02 10.89
C ARG A 209 0.31 -4.88 10.03
N ILE A 210 1.30 -5.18 9.18
CA ILE A 210 1.94 -4.18 8.32
C ILE A 210 1.54 -4.44 6.87
N ALA A 211 0.79 -3.48 6.32
CA ALA A 211 0.22 -3.53 4.98
C ALA A 211 0.62 -2.26 4.20
N VAL A 212 0.28 -2.27 2.90
CA VAL A 212 0.63 -1.18 1.96
C VAL A 212 -0.60 -0.31 1.72
N ALA A 213 -0.38 1.00 1.80
CA ALA A 213 -1.30 2.01 1.29
C ALA A 213 -0.59 2.65 0.09
N LEU A 214 -0.87 2.08 -1.08
CA LEU A 214 -0.16 2.41 -2.31
C LEU A 214 -0.73 3.71 -2.87
N GLU A 215 0.16 4.69 -3.07
CA GLU A 215 -0.22 6.05 -3.47
C GLU A 215 0.05 6.18 -4.97
N ILE A 216 -0.98 6.59 -5.72
CA ILE A 216 -0.97 6.62 -7.18
C ILE A 216 -0.63 8.06 -7.61
N GLY A 217 0.38 8.22 -8.45
CA GLY A 217 0.74 9.51 -9.05
C GLY A 217 -0.09 9.84 -10.28
N ALA A 218 0.02 11.10 -10.73
CA ALA A 218 -0.64 11.59 -11.96
C ALA A 218 -0.25 10.84 -13.23
N ASP A 219 1.03 10.44 -13.32
CA ASP A 219 1.57 9.66 -14.43
C ASP A 219 2.01 8.32 -13.90
N LEU A 220 1.34 7.25 -14.38
CA LEU A 220 1.69 5.89 -13.97
C LEU A 220 3.06 5.53 -14.53
N PRO A 221 3.80 4.66 -13.81
CA PRO A 221 5.09 4.20 -14.32
C PRO A 221 4.90 3.10 -15.36
N SER A 222 6.01 2.50 -15.79
CA SER A 222 5.98 1.28 -16.62
C SER A 222 5.26 0.13 -15.90
N ASN A 223 4.64 -0.76 -16.69
CA ASN A 223 3.87 -1.89 -16.15
C ASN A 223 4.63 -2.75 -15.15
N HIS A 224 5.92 -2.98 -15.44
CA HIS A 224 6.77 -3.77 -14.54
C HIS A 224 6.88 -3.17 -13.13
N VAL A 225 6.82 -1.84 -13.02
CA VAL A 225 6.84 -1.13 -11.72
C VAL A 225 5.55 -1.41 -10.93
N ILE A 226 4.42 -1.41 -11.62
CA ILE A 226 3.11 -1.73 -11.02
C ILE A 226 3.04 -3.21 -10.67
N ASP A 227 3.39 -4.05 -11.64
CA ASP A 227 3.49 -5.52 -11.46
C ASP A 227 4.29 -5.94 -10.23
N ARG A 228 5.34 -5.19 -9.93
CA ARG A 228 6.15 -5.36 -8.72
C ARG A 228 5.35 -5.52 -7.39
N TRP A 229 4.21 -4.84 -7.30
CA TRP A 229 3.29 -4.87 -6.17
C TRP A 229 2.26 -6.01 -6.16
N LEU A 230 2.26 -6.84 -7.19
CA LEU A 230 1.47 -8.07 -7.21
C LEU A 230 1.92 -9.00 -6.09
N GLY A 231 0.93 -9.55 -5.40
CA GLY A 231 1.16 -10.37 -4.25
C GLY A 231 1.56 -9.65 -2.99
N GLU A 232 1.48 -8.31 -2.97
CA GLU A 232 1.81 -7.55 -1.77
C GLU A 232 0.51 -7.26 -1.01
N PRO A 233 0.57 -7.14 0.33
CA PRO A 233 -0.63 -6.92 1.15
C PRO A 233 -1.12 -5.47 1.07
N ILE A 234 -1.78 -5.16 -0.03
CA ILE A 234 -2.28 -3.82 -0.29
C ILE A 234 -3.66 -3.76 0.35
N LYS A 235 -3.76 -2.98 1.41
CA LYS A 235 -5.02 -2.74 2.08
C LYS A 235 -5.69 -1.45 1.64
N ALA A 236 -4.88 -0.45 1.27
CA ALA A 236 -5.39 0.82 0.79
C ALA A 236 -4.75 1.24 -0.52
N ALA A 237 -5.52 1.96 -1.33
CA ALA A 237 -5.02 2.69 -2.49
C ALA A 237 -5.36 4.16 -2.31
N ILE A 238 -4.34 5.02 -2.26
CA ILE A 238 -4.50 6.46 -2.04
C ILE A 238 -4.56 7.16 -3.42
N LEU A 239 -5.64 7.87 -3.68
CA LEU A 239 -5.87 8.63 -4.91
C LEU A 239 -5.88 10.14 -4.64
N PRO A 240 -4.82 10.88 -5.08
CA PRO A 240 -4.88 12.34 -4.99
C PRO A 240 -5.92 12.94 -5.91
N THR A 241 -6.57 14.02 -5.47
CA THR A 241 -7.50 14.80 -6.32
C THR A 241 -6.85 15.32 -7.62
N SER A 242 -5.56 15.66 -7.52
CA SER A 242 -4.73 16.13 -8.66
C SER A 242 -4.65 15.16 -9.85
N ILE A 243 -4.70 13.85 -9.58
CA ILE A 243 -4.59 12.83 -10.66
C ILE A 243 -5.85 12.71 -11.54
N PHE A 244 -6.98 13.25 -11.08
CA PHE A 244 -8.24 13.17 -11.83
C PHE A 244 -8.24 14.17 -12.98
N LEU A 245 -8.54 13.67 -14.18
CA LEU A 245 -8.77 14.52 -15.35
C LEU A 245 -10.20 15.06 -15.29
N THR A 246 -10.46 16.09 -16.11
CA THR A 246 -11.78 16.71 -16.22
C THR A 246 -12.37 16.35 -17.58
N ASN A 247 -13.62 15.86 -17.58
CA ASN A 247 -14.37 15.58 -18.82
C ASN A 247 -15.16 16.82 -19.27
N LYS A 248 -15.78 16.74 -20.45
CA LYS A 248 -16.46 17.88 -21.09
C LYS A 248 -17.59 18.54 -20.28
N LYS A 249 -18.21 17.81 -19.34
CA LYS A 249 -19.19 18.37 -18.39
C LYS A 249 -18.59 18.77 -17.01
N GLY A 250 -17.27 18.96 -16.92
CA GLY A 250 -16.60 19.54 -15.75
C GLY A 250 -16.28 18.63 -14.56
N PHE A 251 -16.71 17.36 -14.61
CA PHE A 251 -16.70 16.46 -13.45
C PHE A 251 -15.41 15.60 -13.46
N PRO A 252 -14.98 15.08 -12.29
CA PRO A 252 -13.75 14.26 -12.23
C PRO A 252 -13.90 12.86 -12.82
N VAL A 253 -12.94 12.48 -13.67
CA VAL A 253 -12.77 11.12 -14.20
C VAL A 253 -11.27 10.75 -14.15
N LEU A 254 -10.92 9.57 -14.64
CA LEU A 254 -9.53 9.08 -14.72
C LEU A 254 -9.21 8.57 -16.11
N SER A 255 -7.92 8.53 -16.45
CA SER A 255 -7.46 7.97 -17.73
C SER A 255 -7.70 6.47 -17.77
N LYS A 256 -7.90 5.92 -18.98
CA LYS A 256 -8.10 4.46 -19.17
C LYS A 256 -6.98 3.59 -18.54
N MET A 257 -5.74 4.09 -18.58
CA MET A 257 -4.60 3.45 -17.88
C MET A 257 -4.79 3.36 -16.35
N HIS A 258 -5.20 4.48 -15.74
CA HIS A 258 -5.55 4.52 -14.31
C HIS A 258 -6.75 3.64 -13.97
N GLN A 259 -7.76 3.64 -14.84
CA GLN A 259 -8.94 2.78 -14.68
C GLN A 259 -8.58 1.29 -14.63
N ARG A 260 -7.66 0.89 -15.52
CA ARG A 260 -7.06 -0.48 -15.51
C ARG A 260 -6.54 -0.85 -14.12
N LEU A 261 -5.72 0.03 -13.55
CA LEU A 261 -5.18 -0.12 -12.19
C LEU A 261 -6.25 -0.16 -11.10
N ILE A 262 -7.30 0.65 -11.23
CA ILE A 262 -8.42 0.65 -10.27
C ILE A 262 -9.15 -0.70 -10.27
N PHE A 263 -9.46 -1.22 -11.48
CA PHE A 263 -10.11 -2.54 -11.65
C PHE A 263 -9.33 -3.71 -11.03
N ARG A 264 -8.00 -3.65 -11.11
CA ARG A 264 -7.12 -4.60 -10.44
C ARG A 264 -7.20 -4.45 -8.91
N LEU A 265 -7.17 -3.20 -8.43
CA LEU A 265 -7.26 -2.92 -7.00
C LEU A 265 -8.60 -3.29 -6.37
N LEU A 266 -9.68 -3.03 -7.10
CA LEU A 266 -11.02 -3.52 -6.74
C LEU A 266 -11.06 -5.03 -6.56
N LYS A 267 -10.38 -5.77 -7.43
CA LYS A 267 -10.22 -7.24 -7.28
C LYS A 267 -9.47 -7.64 -6.00
N LEU A 268 -8.52 -6.82 -5.54
CA LEU A 268 -7.92 -6.94 -4.19
C LEU A 268 -8.75 -6.41 -3.03
N GLU A 269 -9.92 -5.84 -3.31
CA GLU A 269 -10.81 -5.29 -2.28
C GLU A 269 -10.11 -4.29 -1.35
N VAL A 270 -9.30 -3.40 -1.95
CA VAL A 270 -8.61 -2.36 -1.18
C VAL A 270 -9.62 -1.30 -0.79
N GLN A 271 -9.28 -0.56 0.26
CA GLN A 271 -10.05 0.62 0.62
C GLN A 271 -9.44 1.81 -0.12
N PHE A 272 -10.27 2.59 -0.82
CA PHE A 272 -9.79 3.73 -1.60
C PHE A 272 -9.81 4.99 -0.73
N ILE A 273 -8.67 5.65 -0.62
CA ILE A 273 -8.51 6.87 0.16
C ILE A 273 -8.36 8.03 -0.83
N ILE A 274 -9.20 9.07 -0.69
CA ILE A 274 -9.08 10.30 -1.46
C ILE A 274 -8.31 11.30 -0.58
N THR A 275 -7.24 11.86 -1.16
CA THR A 275 -6.35 12.81 -0.49
C THR A 275 -6.24 14.09 -1.29
N GLY A 276 -5.78 15.16 -0.63
CA GLY A 276 -5.69 16.50 -1.24
C GLY A 276 -7.02 17.23 -1.34
N THR A 277 -6.95 18.51 -1.73
CA THR A 277 -8.10 19.42 -1.72
C THR A 277 -8.95 19.26 -2.97
N ASN A 278 -10.19 19.74 -2.88
CA ASN A 278 -11.13 19.71 -3.99
C ASN A 278 -10.67 20.74 -5.02
N HIS A 279 -10.16 20.25 -6.16
CA HIS A 279 -9.86 21.07 -7.34
C HIS A 279 -11.04 21.15 -8.32
N HIS A 280 -11.81 20.06 -8.42
CA HIS A 280 -13.07 20.05 -9.18
C HIS A 280 -14.17 20.83 -8.43
N SER A 281 -14.05 22.17 -8.51
CA SER A 281 -14.79 23.13 -7.69
C SER A 281 -16.22 23.47 -8.13
N GLU A 282 -16.61 23.07 -9.34
CA GLU A 282 -18.01 23.21 -9.81
C GLU A 282 -18.96 22.26 -9.07
N LYS A 283 -18.57 20.99 -8.97
CA LYS A 283 -19.40 19.92 -8.39
C LYS A 283 -19.11 19.61 -6.91
N GLU A 284 -20.15 19.12 -6.21
CA GLU A 284 -20.10 18.34 -4.95
C GLU A 284 -18.88 17.37 -4.80
N PHE A 285 -18.47 17.07 -3.55
CA PHE A 285 -17.30 16.19 -3.30
C PHE A 285 -17.59 14.72 -3.60
N CYS A 286 -18.81 14.26 -3.26
CA CYS A 286 -19.40 13.01 -3.77
C CYS A 286 -18.86 12.54 -5.12
N SER A 287 -18.79 13.46 -6.09
CA SER A 287 -18.17 13.29 -7.44
C SER A 287 -16.98 12.34 -7.58
N TYR A 288 -15.91 12.56 -6.79
CA TYR A 288 -14.72 11.68 -6.76
C TYR A 288 -15.11 10.24 -6.40
N LEU A 289 -15.87 10.12 -5.32
CA LEU A 289 -16.47 8.85 -4.85
C LEU A 289 -17.41 8.22 -5.88
N GLN A 290 -18.31 9.04 -6.41
CA GLN A 290 -19.25 8.68 -7.47
C GLN A 290 -18.56 8.16 -8.72
N TYR A 291 -17.35 8.65 -9.01
CA TYR A 291 -16.56 8.09 -10.11
C TYR A 291 -16.05 6.70 -9.78
N LEU A 292 -15.44 6.53 -8.60
CA LEU A 292 -15.02 5.19 -8.11
C LEU A 292 -16.19 4.20 -8.09
N GLU A 293 -17.33 4.66 -7.58
CA GLU A 293 -18.58 3.89 -7.60
C GLU A 293 -19.01 3.58 -9.03
N TYR A 294 -18.99 4.58 -9.90
CA TYR A 294 -19.29 4.41 -11.34
C TYR A 294 -18.39 3.33 -11.95
N LEU A 295 -17.08 3.43 -11.69
CA LEU A 295 -16.11 2.41 -12.12
C LEU A 295 -16.45 1.03 -11.53
N SER A 296 -16.77 1.00 -10.23
CA SER A 296 -17.12 -0.24 -9.52
C SER A 296 -18.33 -1.00 -10.10
N GLN A 297 -19.40 -0.27 -10.44
CA GLN A 297 -20.58 -0.86 -11.13
C GLN A 297 -20.21 -1.43 -12.51
N ASN A 298 -19.35 -0.72 -13.25
CA ASN A 298 -19.02 -1.05 -14.65
C ASN A 298 -17.68 -1.79 -14.80
N ARG A 299 -17.55 -2.90 -14.08
CA ARG A 299 -16.54 -3.92 -14.34
C ARG A 299 -17.27 -5.09 -15.02
N PRO A 300 -16.52 -6.14 -15.48
CA PRO A 300 -17.22 -7.36 -15.93
C PRO A 300 -17.66 -8.20 -14.71
N PRO A 301 -18.95 -8.61 -14.64
CA PRO A 301 -19.45 -9.25 -13.40
C PRO A 301 -18.81 -10.63 -13.14
N PRO A 302 -18.79 -11.11 -11.88
CA PRO A 302 -18.12 -12.39 -11.58
C PRO A 302 -18.64 -13.61 -12.37
N ASN A 303 -17.77 -14.20 -13.20
CA ASN A 303 -18.05 -15.48 -13.89
C ASN A 303 -18.38 -16.62 -12.90
N ALA A 304 -19.14 -17.61 -13.36
CA ALA A 304 -19.68 -18.71 -12.51
C ALA A 304 -18.65 -19.51 -11.69
N TYR A 305 -17.41 -19.55 -12.19
CA TYR A 305 -16.23 -20.00 -11.40
C TYR A 305 -15.93 -18.99 -10.27
N GLU A 306 -15.70 -17.74 -10.66
CA GLU A 306 -15.42 -16.63 -9.72
C GLU A 306 -16.57 -16.36 -8.72
N LEU A 307 -17.81 -16.65 -9.12
CA LEU A 307 -18.97 -16.63 -8.21
C LEU A 307 -18.92 -17.79 -7.22
N PHE A 308 -18.67 -19.00 -7.73
CA PHE A 308 -18.47 -20.22 -6.90
C PHE A 308 -17.30 -20.07 -5.90
N ALA A 309 -16.19 -19.52 -6.38
CA ALA A 309 -14.95 -19.38 -5.60
C ALA A 309 -14.85 -18.13 -4.70
N LYS A 310 -15.89 -17.30 -4.64
CA LYS A 310 -15.91 -16.10 -3.79
C LYS A 310 -15.85 -16.51 -2.32
N GLY A 311 -14.97 -15.85 -1.56
CA GLY A 311 -14.71 -16.18 -0.16
C GLY A 311 -13.42 -16.97 0.05
N TYR A 312 -13.12 -17.88 -0.88
CA TYR A 312 -11.92 -18.72 -0.82
C TYR A 312 -10.63 -18.12 -1.37
N GLU A 313 -10.61 -16.83 -1.74
CA GLU A 313 -9.43 -16.20 -2.35
C GLU A 313 -8.27 -16.20 -1.36
N ASP A 314 -7.21 -16.94 -1.67
CA ASP A 314 -6.01 -17.10 -0.81
C ASP A 314 -6.24 -17.77 0.58
N TYR A 315 -7.28 -18.60 0.66
CA TYR A 315 -7.59 -19.39 1.85
C TYR A 315 -6.88 -20.72 1.64
N LEU A 316 -5.91 -21.01 2.50
CA LEU A 316 -5.17 -22.28 2.44
C LEU A 316 -6.03 -23.41 3.04
N GLN A 317 -6.12 -24.54 2.32
CA GLN A 317 -6.75 -25.77 2.78
C GLN A 317 -5.84 -26.97 2.57
N SER A 318 -6.05 -28.01 3.38
CA SER A 318 -5.39 -29.29 3.19
C SER A 318 -5.89 -29.94 1.87
N PRO A 319 -4.98 -30.54 1.09
CA PRO A 319 -5.47 -31.34 -0.02
C PRO A 319 -6.26 -32.54 0.50
N LEU A 320 -7.41 -32.79 -0.12
CA LEU A 320 -8.21 -33.97 0.19
C LEU A 320 -7.44 -35.22 -0.19
N GLN A 321 -7.61 -36.25 0.65
CA GLN A 321 -7.01 -37.57 0.47
C GLN A 321 -8.13 -38.57 0.52
N PRO A 322 -8.84 -38.77 -0.62
CA PRO A 322 -9.98 -39.71 -0.60
C PRO A 322 -9.60 -41.18 -0.41
N LEU A 323 -8.34 -41.54 -0.64
CA LEU A 323 -7.82 -42.86 -0.34
C LEU A 323 -7.66 -43.08 1.17
N MET A 324 -6.77 -42.32 1.79
CA MET A 324 -6.52 -42.43 3.26
C MET A 324 -7.78 -42.20 4.09
N ASP A 325 -8.58 -41.21 3.70
CA ASP A 325 -9.76 -40.77 4.43
C ASP A 325 -11.03 -41.22 3.75
N ASN A 326 -12.09 -41.37 4.53
CA ASN A 326 -13.44 -41.53 3.99
C ASN A 326 -14.07 -40.13 3.90
N LEU A 327 -14.38 -39.71 2.67
CA LEU A 327 -14.87 -38.38 2.40
C LEU A 327 -16.29 -38.22 2.84
N GLU A 328 -16.62 -37.03 3.34
CA GLU A 328 -17.95 -36.72 3.83
C GLU A 328 -18.99 -36.61 2.72
N SER A 329 -20.26 -36.89 3.05
CA SER A 329 -21.40 -36.74 2.12
C SER A 329 -21.33 -35.44 1.32
N GLN A 330 -21.21 -34.31 2.04
CA GLN A 330 -21.14 -32.98 1.40
C GLN A 330 -19.93 -32.77 0.47
N THR A 331 -18.81 -33.42 0.74
CA THR A 331 -17.64 -33.40 -0.17
C THR A 331 -17.98 -34.03 -1.53
N TYR A 332 -18.71 -35.15 -1.49
CA TYR A 332 -19.22 -35.78 -2.71
C TYR A 332 -20.25 -34.90 -3.41
N GLU A 333 -21.15 -34.29 -2.63
CA GLU A 333 -22.12 -33.31 -3.17
C GLU A 333 -21.39 -32.18 -3.95
N VAL A 334 -20.28 -31.67 -3.41
CA VAL A 334 -19.44 -30.67 -4.08
C VAL A 334 -18.86 -31.20 -5.39
N PHE A 335 -18.25 -32.40 -5.35
CA PHE A 335 -17.70 -33.06 -6.55
C PHE A 335 -18.70 -33.23 -7.70
N GLU A 336 -19.91 -33.64 -7.31
CA GLU A 336 -21.05 -33.85 -8.20
C GLU A 336 -21.68 -32.59 -8.83
N LYS A 337 -21.38 -31.40 -8.29
CA LYS A 337 -21.97 -30.10 -8.74
C LYS A 337 -21.32 -29.49 -10.01
N ASP A 338 -20.49 -30.26 -10.72
CA ASP A 338 -19.69 -29.80 -11.85
C ASP A 338 -20.18 -30.52 -13.13
N PRO A 339 -21.33 -30.10 -13.70
CA PRO A 339 -21.91 -30.82 -14.86
C PRO A 339 -21.07 -30.83 -16.14
N ILE A 340 -20.21 -29.82 -16.31
CA ILE A 340 -19.20 -29.80 -17.39
C ILE A 340 -18.29 -31.04 -17.28
N LYS A 341 -17.81 -31.32 -16.08
CA LYS A 341 -16.91 -32.47 -15.84
C LYS A 341 -17.56 -33.82 -16.20
N TYR A 342 -18.83 -33.99 -15.86
CA TYR A 342 -19.53 -35.24 -16.14
C TYR A 342 -20.01 -35.37 -17.57
N SER A 343 -20.44 -34.27 -18.19
CA SER A 343 -20.71 -34.28 -19.65
C SER A 343 -19.46 -34.61 -20.48
N GLN A 344 -18.29 -34.19 -20.01
CA GLN A 344 -16.99 -34.63 -20.56
C GLN A 344 -16.74 -36.12 -20.33
N TYR A 345 -16.89 -36.59 -19.09
CA TYR A 345 -16.76 -38.05 -18.80
C TYR A 345 -17.74 -38.90 -19.65
N GLN A 346 -19.00 -38.46 -19.69
CA GLN A 346 -20.07 -39.08 -20.51
C GLN A 346 -19.63 -39.18 -21.97
N GLN A 347 -19.18 -38.06 -22.51
CA GLN A 347 -18.66 -37.97 -23.87
C GLN A 347 -17.47 -38.92 -24.12
N ALA A 348 -16.56 -39.04 -23.16
CA ALA A 348 -15.39 -39.93 -23.30
C ALA A 348 -15.74 -41.41 -23.35
N ILE A 349 -16.73 -41.81 -22.55
CA ILE A 349 -17.24 -43.18 -22.55
C ILE A 349 -18.05 -43.43 -23.83
N TYR A 350 -18.89 -42.45 -24.21
CA TYR A 350 -19.69 -42.45 -25.48
C TYR A 350 -18.81 -42.77 -26.70
N LYS A 351 -17.79 -41.93 -26.91
CA LYS A 351 -16.81 -42.10 -28.00
C LYS A 351 -16.02 -43.43 -27.90
N CYS A 352 -15.74 -43.88 -26.68
CA CYS A 352 -15.05 -45.16 -26.45
C CYS A 352 -15.89 -46.38 -26.77
N LEU A 353 -17.15 -46.37 -26.35
CA LEU A 353 -18.08 -47.48 -26.63
C LEU A 353 -18.25 -47.73 -28.13
N LEU A 354 -18.38 -46.64 -28.88
CA LEU A 354 -18.42 -46.69 -30.33
C LEU A 354 -17.13 -47.28 -30.93
N ASP A 355 -15.97 -46.82 -30.47
CA ASP A 355 -14.67 -47.34 -30.94
C ASP A 355 -14.42 -48.84 -30.65
N ARG A 356 -15.05 -49.39 -29.62
CA ARG A 356 -14.85 -50.80 -29.19
C ARG A 356 -15.84 -51.80 -29.77
N VAL A 357 -17.12 -51.42 -29.79
CA VAL A 357 -18.21 -52.25 -30.30
C VAL A 357 -18.69 -51.66 -31.65
N PRO A 358 -18.49 -52.38 -32.78
CA PRO A 358 -19.08 -51.90 -34.04
C PRO A 358 -20.61 -52.11 -34.09
N GLU A 359 -21.26 -51.28 -34.91
CA GLU A 359 -22.73 -51.25 -35.15
C GLU A 359 -23.39 -52.64 -35.28
N GLU A 360 -22.82 -53.47 -36.16
CA GLU A 360 -23.26 -54.85 -36.37
C GLU A 360 -23.14 -55.77 -35.14
N GLU A 361 -22.16 -55.50 -34.26
CA GLU A 361 -21.98 -56.21 -32.97
C GLU A 361 -22.79 -55.68 -31.76
N LYS A 362 -23.63 -54.64 -31.93
CA LYS A 362 -24.20 -53.90 -30.78
C LYS A 362 -25.02 -54.69 -29.76
N ASP A 363 -25.70 -55.73 -30.23
CA ASP A 363 -26.52 -56.63 -29.39
C ASP A 363 -25.78 -57.90 -28.93
N THR A 364 -24.81 -58.36 -29.71
CA THR A 364 -23.88 -59.44 -29.28
C THR A 364 -22.94 -59.02 -28.12
N ASN A 365 -22.48 -57.77 -28.13
CA ASN A 365 -21.30 -57.32 -27.37
C ASN A 365 -21.71 -56.35 -26.25
N VAL A 366 -21.86 -56.91 -25.03
CA VAL A 366 -22.08 -56.13 -23.81
C VAL A 366 -20.71 -55.76 -23.21
N GLN A 367 -20.39 -54.47 -23.16
CA GLN A 367 -19.09 -54.00 -22.64
C GLN A 367 -19.07 -53.97 -21.12
N VAL A 368 -18.06 -54.60 -20.50
CA VAL A 368 -17.90 -54.60 -19.03
C VAL A 368 -17.21 -53.27 -18.63
N LEU A 369 -18.00 -52.34 -18.08
CA LEU A 369 -17.48 -51.07 -17.54
C LEU A 369 -17.33 -51.17 -16.01
N MET A 370 -16.22 -50.64 -15.51
CA MET A 370 -15.92 -50.62 -14.09
C MET A 370 -15.63 -49.19 -13.65
N VAL A 371 -16.51 -48.65 -12.82
CA VAL A 371 -16.28 -47.37 -12.17
C VAL A 371 -15.44 -47.68 -10.94
N LEU A 372 -14.17 -47.28 -10.98
CA LEU A 372 -13.22 -47.50 -9.86
C LEU A 372 -13.09 -46.26 -9.00
N GLY A 373 -13.69 -46.31 -7.80
CA GLY A 373 -13.89 -45.17 -6.94
C GLY A 373 -15.16 -44.47 -7.33
N ALA A 374 -16.28 -45.18 -7.17
CA ALA A 374 -17.61 -44.70 -7.63
C ALA A 374 -18.28 -43.64 -6.76
N GLY A 375 -17.75 -43.36 -5.56
CA GLY A 375 -18.33 -42.35 -4.67
C GLY A 375 -19.81 -42.63 -4.41
N ARG A 376 -20.67 -41.63 -4.71
CA ARG A 376 -22.15 -41.78 -4.67
C ARG A 376 -22.80 -41.97 -6.08
N GLY A 377 -21.99 -42.30 -7.09
CA GLY A 377 -22.47 -42.72 -8.42
C GLY A 377 -22.67 -41.75 -9.59
N PRO A 378 -21.94 -40.60 -9.64
CA PRO A 378 -22.14 -39.71 -10.81
C PRO A 378 -21.55 -40.26 -12.11
N LEU A 379 -20.37 -40.88 -12.04
CA LEU A 379 -19.79 -41.62 -13.17
C LEU A 379 -20.58 -42.87 -13.58
N VAL A 380 -21.27 -43.49 -12.62
CA VAL A 380 -22.18 -44.62 -12.89
C VAL A 380 -23.35 -44.12 -13.77
N ASN A 381 -23.95 -42.98 -13.37
CA ASN A 381 -25.01 -42.34 -14.15
C ASN A 381 -24.53 -41.79 -15.51
N ALA A 382 -23.32 -41.22 -15.55
CA ALA A 382 -22.68 -40.83 -16.80
C ALA A 382 -22.45 -42.02 -17.73
N SER A 383 -22.05 -43.18 -17.17
CA SER A 383 -21.90 -44.43 -17.94
C SER A 383 -23.23 -44.94 -18.52
N LEU A 384 -24.31 -44.83 -17.73
CA LEU A 384 -25.66 -45.17 -18.21
C LEU A 384 -26.16 -44.25 -19.31
N ARG A 385 -26.05 -42.93 -19.06
CA ARG A 385 -26.42 -41.89 -20.04
C ARG A 385 -25.61 -41.98 -21.37
N ALA A 386 -24.33 -42.32 -21.26
CA ALA A 386 -23.44 -42.50 -22.41
C ALA A 386 -23.75 -43.74 -23.26
N ALA A 387 -24.14 -44.82 -22.60
CA ALA A 387 -24.42 -46.10 -23.25
C ALA A 387 -25.74 -46.08 -24.03
N LYS A 388 -26.79 -45.56 -23.38
CA LYS A 388 -28.08 -45.27 -24.04
C LYS A 388 -27.94 -44.24 -25.19
N GLN A 389 -27.05 -43.25 -25.03
CA GLN A 389 -26.68 -42.31 -26.10
C GLN A 389 -25.95 -42.99 -27.27
N ALA A 390 -24.89 -43.74 -26.96
CA ALA A 390 -24.14 -44.57 -27.92
C ALA A 390 -24.93 -45.72 -28.56
N ASP A 391 -25.99 -46.18 -27.89
CA ASP A 391 -26.83 -47.30 -28.33
C ASP A 391 -26.04 -48.63 -28.35
N ARG A 392 -25.38 -48.89 -27.21
CA ARG A 392 -24.57 -50.09 -26.95
C ARG A 392 -24.88 -50.57 -25.53
N ARG A 393 -24.76 -51.88 -25.31
CA ARG A 393 -25.09 -52.51 -24.03
C ARG A 393 -23.87 -52.55 -23.12
N ILE A 394 -24.11 -52.28 -21.82
CA ILE A 394 -23.05 -52.20 -20.80
C ILE A 394 -23.37 -53.01 -19.54
N LYS A 395 -22.33 -53.60 -18.93
CA LYS A 395 -22.40 -54.27 -17.63
C LYS A 395 -21.55 -53.46 -16.64
N LEU A 396 -22.20 -52.82 -15.66
CA LEU A 396 -21.55 -51.87 -14.74
C LEU A 396 -21.12 -52.52 -13.40
N TYR A 397 -19.88 -52.27 -13.01
CA TYR A 397 -19.43 -52.48 -11.62
C TYR A 397 -19.10 -51.11 -11.04
N ALA A 398 -19.62 -50.84 -9.84
CA ALA A 398 -19.35 -49.61 -9.09
C ALA A 398 -18.51 -50.01 -7.89
N VAL A 399 -17.19 -49.83 -7.99
CA VAL A 399 -16.25 -50.21 -6.93
C VAL A 399 -15.95 -48.99 -6.09
N GLU A 400 -16.25 -49.06 -4.78
CA GLU A 400 -16.02 -47.97 -3.82
C GLU A 400 -15.61 -48.51 -2.46
N LYS A 401 -14.49 -48.00 -1.96
CA LYS A 401 -13.87 -48.47 -0.71
C LYS A 401 -14.49 -47.78 0.54
N ASN A 402 -15.00 -46.56 0.37
CA ASN A 402 -15.66 -45.78 1.41
C ASN A 402 -17.05 -46.37 1.70
N PRO A 403 -17.18 -47.14 2.79
CA PRO A 403 -18.45 -47.85 3.03
C PRO A 403 -19.66 -46.92 3.31
N ASN A 404 -19.41 -45.67 3.69
CA ASN A 404 -20.47 -44.67 3.87
C ASN A 404 -21.09 -44.30 2.53
N ALA A 405 -20.23 -44.05 1.54
CA ALA A 405 -20.64 -43.77 0.17
C ALA A 405 -21.37 -44.97 -0.48
N VAL A 406 -20.91 -46.18 -0.16
CA VAL A 406 -21.54 -47.45 -0.57
C VAL A 406 -23.02 -47.56 -0.13
N VAL A 407 -23.37 -46.98 1.01
CA VAL A 407 -24.78 -46.88 1.43
C VAL A 407 -25.60 -46.12 0.40
N THR A 408 -25.07 -45.00 -0.08
CA THR A 408 -25.73 -44.17 -1.10
C THR A 408 -25.92 -44.91 -2.42
N LEU A 409 -24.83 -45.56 -2.86
CA LEU A 409 -24.81 -46.43 -4.06
C LEU A 409 -25.82 -47.58 -4.02
N GLU A 410 -25.82 -48.31 -2.91
CA GLU A 410 -26.72 -49.45 -2.72
C GLU A 410 -28.19 -49.02 -2.64
N ASN A 411 -28.49 -47.90 -1.96
CA ASN A 411 -29.84 -47.28 -2.03
C ASN A 411 -30.22 -46.86 -3.48
N TRP A 412 -29.28 -46.21 -4.19
CA TRP A 412 -29.43 -45.91 -5.65
C TRP A 412 -29.64 -47.16 -6.52
N GLN A 413 -28.87 -48.21 -6.23
CA GLN A 413 -28.95 -49.50 -6.93
C GLN A 413 -30.28 -50.23 -6.75
N PHE A 414 -30.80 -50.25 -5.52
CA PHE A 414 -32.11 -50.85 -5.23
C PHE A 414 -33.27 -50.04 -5.85
N GLU A 415 -33.26 -48.73 -5.62
CA GLU A 415 -34.34 -47.84 -6.08
C GLU A 415 -34.40 -47.62 -7.61
N GLU A 416 -33.24 -47.59 -8.28
CA GLU A 416 -33.14 -47.09 -9.67
C GLU A 416 -32.39 -48.01 -10.64
N TRP A 417 -31.12 -48.28 -10.38
CA TRP A 417 -30.26 -48.97 -11.35
C TRP A 417 -30.55 -50.45 -11.56
N GLY A 418 -30.83 -51.18 -10.49
CA GLY A 418 -31.06 -52.62 -10.54
C GLY A 418 -29.79 -53.44 -10.82
N SER A 419 -30.02 -54.70 -11.20
CA SER A 419 -28.96 -55.70 -11.47
C SER A 419 -27.87 -55.30 -12.48
N GLN A 420 -28.18 -54.41 -13.42
CA GLN A 420 -27.19 -53.82 -14.34
C GLN A 420 -25.92 -53.34 -13.61
N VAL A 421 -26.13 -52.60 -12.52
CA VAL A 421 -25.05 -52.17 -11.62
C VAL A 421 -24.86 -53.13 -10.45
N THR A 422 -23.63 -53.67 -10.34
CA THR A 422 -23.14 -54.42 -9.19
C THR A 422 -22.29 -53.44 -8.37
N VAL A 423 -22.70 -53.15 -7.13
CA VAL A 423 -21.91 -52.35 -6.18
C VAL A 423 -20.92 -53.28 -5.49
N VAL A 424 -19.67 -52.83 -5.39
CA VAL A 424 -18.59 -53.60 -4.79
C VAL A 424 -17.97 -52.74 -3.69
N SER A 425 -18.15 -53.18 -2.45
CA SER A 425 -17.60 -52.46 -1.31
C SER A 425 -16.20 -52.99 -1.08
N SER A 426 -15.26 -52.43 -1.82
CA SER A 426 -13.89 -52.89 -1.80
C SER A 426 -12.88 -51.87 -2.31
N ASP A 427 -11.64 -52.08 -1.89
CA ASP A 427 -10.48 -51.43 -2.45
C ASP A 427 -10.21 -52.05 -3.83
N MET A 428 -9.96 -51.21 -4.83
CA MET A 428 -9.65 -51.68 -6.19
C MET A 428 -8.35 -52.52 -6.30
N ARG A 429 -7.41 -52.29 -5.39
CA ARG A 429 -6.14 -53.05 -5.32
C ARG A 429 -6.25 -54.40 -4.59
N GLU A 430 -7.36 -54.63 -3.89
CA GLU A 430 -7.67 -55.90 -3.21
C GLU A 430 -8.68 -56.74 -3.96
N TRP A 431 -9.72 -56.08 -4.49
CA TRP A 431 -10.84 -56.73 -5.15
C TRP A 431 -10.41 -57.82 -6.13
N VAL A 432 -10.89 -59.03 -5.86
CA VAL A 432 -10.77 -60.18 -6.75
C VAL A 432 -12.00 -60.04 -7.63
N ALA A 433 -11.79 -59.59 -8.86
CA ALA A 433 -12.86 -59.32 -9.82
C ALA A 433 -13.37 -60.63 -10.43
N PRO A 434 -14.71 -60.77 -10.61
CA PRO A 434 -15.25 -62.00 -11.23
C PRO A 434 -14.97 -62.16 -12.74
N GLU A 435 -14.65 -61.06 -13.42
CA GLU A 435 -14.31 -61.04 -14.83
C GLU A 435 -13.42 -59.84 -15.13
N LYS A 436 -12.84 -59.82 -16.32
CA LYS A 436 -12.01 -58.70 -16.78
C LYS A 436 -12.85 -57.59 -17.38
N ALA A 437 -12.29 -56.38 -17.39
CA ALA A 437 -12.98 -55.13 -17.74
C ALA A 437 -12.59 -54.62 -19.13
N ASP A 438 -13.58 -54.21 -19.92
CA ASP A 438 -13.34 -53.56 -21.24
C ASP A 438 -12.88 -52.13 -21.07
N ILE A 439 -13.53 -51.42 -20.14
CA ILE A 439 -13.18 -50.04 -19.76
C ILE A 439 -13.19 -49.91 -18.23
N ILE A 440 -12.13 -49.33 -17.69
CA ILE A 440 -12.10 -48.85 -16.30
C ILE A 440 -12.26 -47.34 -16.36
N VAL A 441 -13.21 -46.81 -15.59
CA VAL A 441 -13.54 -45.38 -15.54
C VAL A 441 -13.30 -44.91 -14.11
N SER A 442 -12.53 -43.84 -13.94
CA SER A 442 -12.17 -43.35 -12.60
C SER A 442 -12.02 -41.84 -12.56
N GLU A 443 -11.94 -41.34 -11.34
CA GLU A 443 -12.07 -39.90 -11.02
C GLU A 443 -11.27 -39.68 -9.71
N LEU A 444 -10.04 -40.15 -9.74
CA LEU A 444 -9.18 -40.19 -8.56
C LEU A 444 -8.14 -39.05 -8.56
N LEU A 445 -8.42 -37.93 -9.23
CA LEU A 445 -7.39 -36.92 -9.49
C LEU A 445 -7.60 -35.71 -8.62
N GLY A 446 -6.54 -35.32 -7.89
CA GLY A 446 -6.50 -34.07 -7.13
C GLY A 446 -6.01 -32.92 -8.01
N SER A 447 -5.75 -31.79 -7.36
CA SER A 447 -5.33 -30.55 -8.03
C SER A 447 -3.95 -30.62 -8.69
N PHE A 448 -3.11 -31.57 -8.28
CA PHE A 448 -1.81 -31.82 -8.91
C PHE A 448 -1.72 -33.12 -9.82
N ALA A 449 -2.93 -33.51 -10.29
CA ALA A 449 -3.21 -34.84 -10.89
C ALA A 449 -3.04 -36.02 -9.92
N ASP A 450 -1.80 -36.46 -9.73
CA ASP A 450 -1.46 -37.71 -9.03
C ASP A 450 -1.44 -37.66 -7.49
N ASN A 451 -1.77 -36.52 -6.89
CA ASN A 451 -1.68 -36.34 -5.42
C ASN A 451 -2.72 -37.07 -4.54
N GLU A 452 -3.73 -37.68 -5.16
CA GLU A 452 -4.61 -38.63 -4.46
C GLU A 452 -4.19 -40.09 -4.66
N LEU A 453 -3.05 -40.34 -5.34
CA LEU A 453 -2.49 -41.69 -5.59
C LEU A 453 -3.27 -42.55 -6.60
N SER A 454 -3.90 -41.88 -7.59
CA SER A 454 -4.41 -42.54 -8.82
C SER A 454 -3.44 -43.48 -9.54
N PRO A 455 -2.14 -43.15 -9.63
CA PRO A 455 -1.18 -44.12 -10.22
C PRO A 455 -1.16 -45.49 -9.54
N GLU A 456 -1.02 -45.47 -8.23
CA GLU A 456 -0.92 -46.70 -7.43
C GLU A 456 -2.21 -47.50 -7.42
N CYS A 457 -3.34 -46.78 -7.42
CA CYS A 457 -4.67 -47.39 -7.32
C CYS A 457 -5.01 -48.11 -8.61
N LEU A 458 -4.89 -47.38 -9.72
CA LEU A 458 -5.10 -47.94 -11.04
C LEU A 458 -4.05 -49.01 -11.39
N ASP A 459 -2.82 -48.89 -10.89
CA ASP A 459 -1.80 -49.98 -11.05
C ASP A 459 -2.23 -51.32 -10.42
N GLY A 460 -2.76 -51.26 -9.21
CA GLY A 460 -3.27 -52.45 -8.53
C GLY A 460 -4.61 -52.94 -9.05
N ALA A 461 -5.40 -52.05 -9.67
CA ALA A 461 -6.60 -52.42 -10.45
C ALA A 461 -6.34 -52.98 -11.85
N GLN A 462 -5.09 -52.90 -12.30
CA GLN A 462 -4.74 -53.17 -13.71
C GLN A 462 -4.87 -54.65 -14.11
N HIS A 463 -4.60 -55.55 -13.17
CA HIS A 463 -4.70 -57.00 -13.42
C HIS A 463 -6.08 -57.50 -13.91
N PHE A 464 -7.16 -56.77 -13.58
CA PHE A 464 -8.52 -57.05 -14.11
C PHE A 464 -9.01 -56.08 -15.21
N LEU A 465 -8.13 -55.25 -15.78
CA LEU A 465 -8.38 -54.66 -17.10
C LEU A 465 -8.06 -55.72 -18.15
N LYS A 466 -8.91 -55.81 -19.18
CA LYS A 466 -8.68 -56.75 -20.30
C LYS A 466 -7.41 -56.34 -21.06
N ASP A 467 -6.74 -57.31 -21.71
CA ASP A 467 -5.49 -57.05 -22.49
C ASP A 467 -5.59 -55.88 -23.48
N ASP A 468 -6.79 -55.68 -24.05
CA ASP A 468 -7.11 -54.56 -24.95
C ASP A 468 -7.94 -53.44 -24.30
N GLY A 469 -8.00 -53.39 -22.97
CA GLY A 469 -8.92 -52.51 -22.27
C GLY A 469 -8.46 -51.06 -22.28
N VAL A 470 -9.40 -50.15 -22.01
CA VAL A 470 -9.16 -48.71 -21.90
C VAL A 470 -9.26 -48.29 -20.43
N SER A 471 -8.41 -47.36 -20.01
CA SER A 471 -8.63 -46.56 -18.81
C SER A 471 -9.14 -45.17 -19.23
N ILE A 472 -10.21 -44.72 -18.61
CA ILE A 472 -10.64 -43.33 -18.64
C ILE A 472 -10.42 -42.84 -17.19
N PRO A 473 -9.53 -41.88 -16.91
CA PRO A 473 -8.65 -41.23 -17.87
C PRO A 473 -7.54 -42.13 -18.34
N GLY A 474 -7.16 -41.98 -19.60
CA GLY A 474 -6.01 -42.66 -20.17
C GLY A 474 -4.70 -42.07 -19.68
N GLU A 475 -4.67 -40.74 -19.57
CA GLU A 475 -3.44 -40.02 -19.19
C GLU A 475 -3.73 -38.81 -18.31
N TYR A 476 -2.75 -38.44 -17.50
CA TYR A 476 -2.74 -37.13 -16.84
C TYR A 476 -1.34 -36.68 -16.44
N THR A 477 -1.20 -35.33 -16.43
CA THR A 477 0.09 -34.62 -16.35
C THR A 477 -0.07 -33.36 -15.49
N SER A 478 0.82 -33.27 -14.47
CA SER A 478 0.84 -32.16 -13.53
C SER A 478 1.67 -31.04 -14.14
N PHE A 479 1.31 -29.81 -13.80
CA PHE A 479 2.03 -28.65 -14.23
C PHE A 479 2.39 -27.83 -13.00
N LEU A 480 3.59 -27.23 -13.01
CA LEU A 480 4.09 -26.30 -11.97
C LEU A 480 4.49 -24.96 -12.57
N ALA A 481 4.36 -23.90 -11.77
CA ALA A 481 4.83 -22.55 -12.13
C ALA A 481 5.25 -21.77 -10.88
N PRO A 482 6.44 -21.09 -10.90
CA PRO A 482 6.88 -20.30 -9.75
C PRO A 482 5.99 -19.11 -9.59
N ILE A 483 5.71 -18.74 -8.33
CA ILE A 483 4.92 -17.55 -8.03
C ILE A 483 5.59 -16.67 -6.99
N SER A 484 5.16 -15.41 -6.99
CA SER A 484 5.39 -14.46 -5.93
C SER A 484 4.04 -14.15 -5.29
N SER A 485 3.96 -14.35 -3.99
CA SER A 485 2.96 -13.69 -3.16
C SER A 485 3.48 -13.60 -1.72
N SER A 486 3.89 -12.40 -1.30
CA SER A 486 4.22 -12.13 0.10
C SER A 486 3.00 -12.32 1.02
N LYS A 487 1.80 -12.07 0.51
CA LYS A 487 0.55 -12.44 1.20
C LYS A 487 0.42 -13.94 1.53
N LEU A 488 0.57 -14.78 0.51
CA LEU A 488 0.46 -16.23 0.69
C LEU A 488 1.63 -16.78 1.51
N TYR A 489 2.82 -16.23 1.34
CA TYR A 489 3.95 -16.54 2.23
C TYR A 489 3.61 -16.32 3.71
N ASN A 490 2.87 -15.24 3.99
CA ASN A 490 2.43 -14.93 5.35
C ASN A 490 1.35 -15.89 5.84
N GLU A 491 0.39 -16.23 4.98
CA GLU A 491 -0.65 -17.22 5.29
C GLU A 491 -0.04 -18.57 5.69
N VAL A 492 0.95 -19.00 4.93
CA VAL A 492 1.66 -20.26 5.22
C VAL A 492 2.40 -20.15 6.55
N ARG A 493 3.21 -19.10 6.70
CA ARG A 493 3.95 -18.79 7.94
C ARG A 493 3.09 -18.78 9.23
N ALA A 494 1.85 -18.31 9.10
CA ALA A 494 0.87 -18.31 10.19
C ALA A 494 0.25 -19.67 10.51
N CYS A 495 0.51 -20.70 9.69
CA CYS A 495 0.13 -22.09 9.98
C CYS A 495 1.13 -22.87 10.86
N ARG A 496 1.96 -22.19 11.65
CA ARG A 496 2.79 -22.87 12.66
C ARG A 496 1.92 -23.39 13.77
N GLU A 497 2.11 -24.67 14.11
CA GLU A 497 1.37 -25.33 15.17
C GLU A 497 2.25 -25.81 16.28
N LYS A 498 1.64 -26.01 17.44
CA LYS A 498 2.26 -26.67 18.59
C LYS A 498 2.51 -28.13 18.23
N ASP A 499 3.48 -28.73 18.92
CA ASP A 499 3.74 -30.18 18.87
C ASP A 499 4.14 -30.71 17.48
N ARG A 500 4.71 -29.86 16.64
CA ARG A 500 5.35 -30.32 15.41
C ARG A 500 6.49 -29.40 15.08
N ASP A 501 7.23 -29.77 14.04
CA ASP A 501 8.32 -28.96 13.51
C ASP A 501 7.79 -27.52 13.33
N PRO A 502 8.53 -26.51 13.85
CA PRO A 502 8.09 -25.13 13.65
C PRO A 502 8.13 -24.61 12.19
N GLU A 503 8.76 -25.34 11.27
CA GLU A 503 8.75 -25.04 9.85
C GLU A 503 7.93 -26.00 8.96
N ALA A 504 7.20 -26.97 9.56
CA ALA A 504 6.45 -28.01 8.79
C ALA A 504 5.43 -27.46 7.82
N GLN A 505 4.77 -26.37 8.22
CA GLN A 505 3.87 -25.59 7.33
C GLN A 505 4.44 -25.21 5.96
N PHE A 506 5.76 -25.01 5.84
CA PHE A 506 6.39 -24.72 4.52
C PHE A 506 6.70 -25.94 3.64
N GLU A 507 6.59 -27.13 4.24
CA GLU A 507 6.95 -28.40 3.63
C GLU A 507 5.70 -29.25 3.34
N MET A 508 4.62 -28.59 2.94
CA MET A 508 3.40 -29.29 2.58
C MET A 508 2.63 -28.48 1.55
N PRO A 509 1.99 -29.17 0.59
CA PRO A 509 1.14 -28.47 -0.35
C PRO A 509 -0.15 -27.98 0.28
N TYR A 510 -0.73 -26.93 -0.30
CA TYR A 510 -2.06 -26.43 0.04
C TYR A 510 -2.87 -26.28 -1.24
N VAL A 511 -4.13 -26.68 -1.21
CA VAL A 511 -5.12 -26.29 -2.21
C VAL A 511 -5.56 -24.88 -1.83
N VAL A 512 -5.49 -23.96 -2.78
CA VAL A 512 -5.86 -22.56 -2.55
C VAL A 512 -6.26 -21.91 -3.86
N ARG A 513 -7.36 -21.12 -3.84
CA ARG A 513 -7.74 -20.28 -4.97
C ARG A 513 -6.80 -19.08 -4.94
N LEU A 514 -5.64 -19.24 -5.58
CA LEU A 514 -4.58 -18.20 -5.65
C LEU A 514 -5.16 -16.93 -6.29
N HIS A 515 -4.95 -15.78 -5.68
CA HIS A 515 -5.64 -14.56 -6.07
C HIS A 515 -4.71 -13.35 -6.05
N ASN A 516 -4.18 -12.98 -4.88
CA ASN A 516 -3.17 -11.93 -4.78
C ASN A 516 -1.79 -12.59 -4.91
N PHE A 517 -1.38 -12.76 -6.15
CA PHE A 517 -0.11 -13.38 -6.51
C PHE A 517 0.37 -12.93 -7.89
N HIS A 518 1.57 -13.36 -8.23
CA HIS A 518 2.18 -13.06 -9.51
C HIS A 518 2.78 -14.35 -10.02
N GLN A 519 2.25 -14.86 -11.14
CA GLN A 519 2.86 -15.99 -11.86
C GLN A 519 4.08 -15.47 -12.62
N LEU A 520 5.26 -15.99 -12.28
CA LEU A 520 6.55 -15.49 -12.72
C LEU A 520 7.13 -16.17 -13.95
N SER A 521 6.54 -17.28 -14.35
CA SER A 521 6.93 -17.94 -15.61
C SER A 521 5.79 -18.87 -16.04
N ALA A 522 5.75 -19.21 -17.33
CA ALA A 522 4.67 -20.05 -17.87
C ALA A 522 4.72 -21.45 -17.24
N PRO A 523 3.57 -22.06 -16.93
CA PRO A 523 3.63 -23.42 -16.36
C PRO A 523 4.26 -24.44 -17.30
N GLN A 524 4.94 -25.42 -16.71
CA GLN A 524 5.61 -26.49 -17.42
C GLN A 524 5.22 -27.82 -16.80
N PRO A 525 5.22 -28.90 -17.61
CA PRO A 525 4.75 -30.17 -17.09
C PRO A 525 5.78 -30.77 -16.14
N CYS A 526 5.30 -31.44 -15.09
CA CYS A 526 6.15 -31.98 -14.03
C CYS A 526 6.14 -33.51 -14.16
N PHE A 527 5.03 -34.16 -13.79
CA PHE A 527 4.93 -35.63 -13.77
C PHE A 527 3.79 -36.07 -14.67
N THR A 528 4.00 -37.17 -15.40
CA THR A 528 2.97 -37.77 -16.27
C THR A 528 2.78 -39.23 -15.90
N PHE A 529 1.54 -39.70 -15.96
CA PHE A 529 1.18 -41.11 -15.77
C PHE A 529 0.16 -41.53 -16.78
N SER A 530 0.38 -42.72 -17.35
CA SER A 530 -0.46 -43.31 -18.43
C SER A 530 -1.08 -44.61 -18.00
N HIS A 531 -2.37 -44.78 -18.33
CA HIS A 531 -3.18 -45.94 -17.91
C HIS A 531 -3.90 -46.54 -19.13
N PRO A 532 -3.76 -47.85 -19.40
CA PRO A 532 -2.90 -48.80 -18.66
C PRO A 532 -1.40 -48.50 -18.73
N ASN A 533 -0.68 -48.90 -17.70
CA ASN A 533 0.78 -48.78 -17.59
C ASN A 533 1.38 -50.12 -18.02
N ARG A 534 1.57 -50.28 -19.33
CA ARG A 534 2.11 -51.53 -19.92
C ARG A 534 3.59 -51.82 -19.62
N ASP A 535 4.35 -50.79 -19.21
CA ASP A 535 5.78 -50.92 -18.82
C ASP A 535 6.07 -52.08 -17.84
N PRO A 536 6.91 -53.08 -18.23
CA PRO A 536 7.17 -54.25 -17.37
C PRO A 536 7.69 -53.94 -15.96
N MET A 537 8.70 -53.07 -15.87
CA MET A 537 9.34 -52.70 -14.60
C MET A 537 8.76 -51.38 -14.08
N ILE A 538 7.61 -51.51 -13.40
CA ILE A 538 6.78 -50.37 -12.93
C ILE A 538 7.48 -49.55 -11.83
N ASP A 539 7.43 -48.22 -11.95
CA ASP A 539 7.76 -47.33 -10.84
C ASP A 539 7.08 -45.95 -10.99
N ASN A 540 6.25 -45.59 -9.99
CA ASN A 540 5.54 -44.30 -9.92
C ASN A 540 6.31 -43.19 -9.17
N ASN A 541 7.50 -43.49 -8.68
CA ASN A 541 8.43 -42.48 -8.21
C ASN A 541 9.01 -41.70 -9.39
N ARG A 542 9.29 -40.43 -9.15
CA ARG A 542 9.68 -39.49 -10.19
C ARG A 542 10.73 -38.53 -9.67
N TYR A 543 11.52 -38.00 -10.62
CA TYR A 543 12.42 -36.89 -10.40
C TYR A 543 12.43 -36.03 -11.65
N CYS A 544 12.05 -34.76 -11.49
CA CYS A 544 11.93 -33.78 -12.55
C CYS A 544 12.73 -32.52 -12.18
N THR A 545 13.42 -31.95 -13.17
CA THR A 545 14.06 -30.63 -13.07
C THR A 545 13.37 -29.71 -14.07
N LEU A 546 12.93 -28.54 -13.61
CA LEU A 546 12.34 -27.50 -14.46
C LEU A 546 13.15 -26.22 -14.34
N GLU A 547 13.44 -25.60 -15.50
CA GLU A 547 14.07 -24.29 -15.58
C GLU A 547 13.04 -23.31 -16.09
N PHE A 548 12.73 -22.31 -15.25
CA PHE A 548 11.69 -21.30 -15.50
C PHE A 548 12.36 -19.95 -15.81
N PRO A 549 12.26 -19.46 -17.09
CA PRO A 549 12.80 -18.13 -17.35
C PRO A 549 11.92 -17.03 -16.75
N VAL A 550 12.56 -16.05 -16.11
CA VAL A 550 11.91 -14.97 -15.37
C VAL A 550 12.34 -13.65 -16.00
N GLU A 551 11.35 -12.86 -16.42
CA GLU A 551 11.55 -11.58 -17.12
C GLU A 551 11.43 -10.33 -16.22
N VAL A 552 11.22 -10.55 -14.91
CA VAL A 552 10.94 -9.48 -13.93
C VAL A 552 11.88 -9.58 -12.74
N ASN A 553 12.03 -8.47 -12.02
CA ASN A 553 12.55 -8.50 -10.65
C ASN A 553 11.41 -8.94 -9.78
N THR A 554 11.66 -9.86 -8.85
CA THR A 554 10.59 -10.43 -8.00
C THR A 554 11.13 -11.19 -6.77
N VAL A 555 10.20 -11.80 -6.04
CA VAL A 555 10.52 -12.67 -4.91
C VAL A 555 9.69 -13.95 -5.05
N LEU A 556 10.38 -15.08 -5.10
CA LEU A 556 9.75 -16.39 -5.24
C LEU A 556 9.31 -16.82 -3.86
N HIS A 557 8.02 -17.14 -3.70
CA HIS A 557 7.49 -17.74 -2.46
C HIS A 557 6.95 -19.17 -2.59
N GLY A 558 6.81 -19.67 -3.80
CA GLY A 558 6.39 -21.05 -4.01
C GLY A 558 6.12 -21.39 -5.46
N PHE A 559 5.45 -22.53 -5.65
CA PHE A 559 5.11 -23.05 -6.97
C PHE A 559 3.64 -23.42 -6.99
N ALA A 560 2.85 -22.68 -7.78
CA ALA A 560 1.46 -23.08 -8.09
C ALA A 560 1.52 -24.35 -8.90
N GLY A 561 0.64 -25.28 -8.58
CA GLY A 561 0.55 -26.56 -9.27
C GLY A 561 -0.85 -26.69 -9.85
N TYR A 562 -0.91 -27.24 -11.06
CA TYR A 562 -2.14 -27.42 -11.78
C TYR A 562 -2.09 -28.87 -12.33
N PHE A 563 -3.03 -29.20 -13.22
CA PHE A 563 -2.97 -30.44 -13.98
C PHE A 563 -3.85 -30.43 -15.25
N GLU A 564 -3.60 -31.43 -16.08
CA GLU A 564 -4.41 -31.76 -17.27
C GLU A 564 -4.61 -33.26 -17.31
N THR A 565 -5.72 -33.70 -17.93
CA THR A 565 -5.98 -35.13 -18.11
C THR A 565 -6.67 -35.43 -19.44
N VAL A 566 -6.23 -36.52 -20.07
CA VAL A 566 -6.85 -37.07 -21.27
C VAL A 566 -7.82 -38.14 -20.76
N LEU A 567 -9.12 -37.88 -20.92
CA LEU A 567 -10.15 -38.87 -20.60
C LEU A 567 -10.18 -39.92 -21.70
N TYR A 568 -10.35 -39.44 -22.92
CA TYR A 568 -10.30 -40.29 -24.11
C TYR A 568 -10.04 -39.41 -25.32
N GLN A 569 -8.91 -39.65 -26.00
CA GLN A 569 -8.57 -38.98 -27.27
C GLN A 569 -8.53 -37.42 -27.13
N ASP A 570 -9.44 -36.68 -27.78
CA ASP A 570 -9.53 -35.20 -27.64
C ASP A 570 -10.32 -34.71 -26.43
N ILE A 571 -11.05 -35.61 -25.76
CA ILE A 571 -11.85 -35.25 -24.61
C ILE A 571 -10.84 -35.09 -23.47
N THR A 572 -10.70 -33.86 -22.99
CA THR A 572 -9.75 -33.52 -21.93
C THR A 572 -10.39 -32.67 -20.85
N LEU A 573 -9.75 -32.67 -19.67
CA LEU A 573 -10.02 -31.70 -18.61
C LEU A 573 -8.71 -31.08 -18.19
N SER A 574 -8.79 -29.80 -17.80
CA SER A 574 -7.62 -29.02 -17.40
C SER A 574 -8.00 -27.98 -16.35
N ILE A 575 -7.09 -27.79 -15.39
CA ILE A 575 -7.07 -26.57 -14.55
C ILE A 575 -5.83 -25.71 -14.75
N ARG A 576 -4.96 -26.07 -15.72
CA ARG A 576 -3.86 -25.20 -16.16
C ARG A 576 -4.52 -23.94 -16.70
N PRO A 577 -4.25 -22.75 -16.10
CA PRO A 577 -5.07 -21.55 -16.35
C PRO A 577 -5.23 -21.17 -17.82
N GLU A 578 -4.15 -21.32 -18.57
CA GLU A 578 -4.14 -21.01 -20.01
C GLU A 578 -4.98 -21.97 -20.89
N THR A 579 -5.09 -23.24 -20.50
CA THR A 579 -6.00 -24.22 -21.16
C THR A 579 -7.18 -24.65 -20.27
N HIS A 580 -7.56 -23.82 -19.29
CA HIS A 580 -8.54 -24.20 -18.25
C HIS A 580 -9.85 -24.56 -18.91
N SER A 581 -10.43 -25.72 -18.57
CA SER A 581 -11.76 -26.12 -19.06
C SER A 581 -12.75 -25.03 -18.63
N PRO A 582 -13.49 -24.41 -19.59
CA PRO A 582 -14.48 -23.39 -19.18
C PRO A 582 -15.63 -23.99 -18.36
N GLY A 583 -16.01 -23.33 -17.27
CA GLY A 583 -17.08 -23.79 -16.38
C GLY A 583 -16.74 -24.84 -15.31
N MET A 584 -15.54 -25.41 -15.32
CA MET A 584 -15.14 -26.44 -14.35
C MET A 584 -14.59 -25.78 -13.09
N PHE A 585 -15.14 -26.15 -11.94
CA PHE A 585 -14.77 -25.53 -10.67
C PHE A 585 -14.54 -26.49 -9.48
N SER A 586 -14.43 -27.79 -9.74
CA SER A 586 -14.22 -28.80 -8.68
C SER A 586 -12.84 -28.69 -8.02
N TRP A 587 -11.81 -28.27 -8.77
CA TRP A 587 -10.43 -28.12 -8.28
C TRP A 587 -9.96 -26.67 -8.28
N PHE A 588 -9.28 -26.29 -7.21
CA PHE A 588 -8.48 -25.08 -7.14
C PHE A 588 -7.01 -25.42 -7.35
N PRO A 589 -6.14 -24.42 -7.65
CA PRO A 589 -4.70 -24.72 -7.75
C PRO A 589 -4.11 -25.21 -6.43
N ILE A 590 -3.04 -25.99 -6.52
CA ILE A 590 -2.26 -26.40 -5.37
C ILE A 590 -1.13 -25.37 -5.23
N LEU A 591 -0.47 -25.36 -4.07
CA LEU A 591 0.65 -24.47 -3.78
C LEU A 591 1.70 -25.24 -3.02
N PHE A 592 2.92 -25.27 -3.52
CA PHE A 592 4.08 -25.78 -2.79
C PHE A 592 4.86 -24.54 -2.32
N PRO A 593 4.81 -24.22 -1.01
CA PRO A 593 5.63 -23.12 -0.53
C PRO A 593 7.11 -23.46 -0.46
N ILE A 594 7.92 -22.42 -0.30
CA ILE A 594 9.28 -22.56 0.24
C ILE A 594 9.43 -21.73 1.51
N LYS A 595 10.44 -22.10 2.29
CA LYS A 595 10.65 -21.67 3.69
C LYS A 595 11.18 -20.26 3.70
N GLN A 596 12.19 -20.03 2.84
CA GLN A 596 12.82 -18.73 2.67
C GLN A 596 12.54 -18.19 1.28
N PRO A 597 11.92 -16.99 1.19
CA PRO A 597 11.73 -16.31 -0.08
C PRO A 597 13.03 -16.08 -0.84
N ILE A 598 12.99 -16.22 -2.15
CA ILE A 598 14.20 -16.12 -3.00
C ILE A 598 14.09 -14.90 -3.91
N THR A 599 15.04 -13.97 -3.76
CA THR A 599 15.22 -12.85 -4.69
C THR A 599 15.55 -13.38 -6.09
N VAL A 600 14.77 -12.97 -7.08
CA VAL A 600 14.98 -13.30 -8.49
C VAL A 600 15.07 -11.99 -9.28
N ARG A 601 16.25 -11.74 -9.86
CA ARG A 601 16.45 -10.61 -10.78
C ARG A 601 15.91 -10.90 -12.19
N GLU A 602 15.47 -9.85 -12.86
CA GLU A 602 15.14 -9.83 -14.30
C GLU A 602 16.17 -10.62 -15.13
N GLY A 603 15.68 -11.54 -15.97
CA GLY A 603 16.53 -12.39 -16.81
C GLY A 603 17.17 -13.62 -16.18
N GLN A 604 16.97 -13.85 -14.88
CA GLN A 604 17.47 -15.07 -14.23
C GLN A 604 16.54 -16.25 -14.51
N THR A 605 17.08 -17.45 -14.34
CA THR A 605 16.33 -18.71 -14.42
C THR A 605 16.03 -19.16 -13.00
N ILE A 606 14.77 -19.43 -12.70
CA ILE A 606 14.39 -20.20 -11.48
C ILE A 606 14.48 -21.67 -11.88
N CYS A 607 15.31 -22.45 -11.17
CA CYS A 607 15.40 -23.89 -11.36
C CYS A 607 14.75 -24.55 -10.16
N VAL A 608 13.70 -25.36 -10.39
CA VAL A 608 13.11 -26.22 -9.34
C VAL A 608 13.28 -27.71 -9.64
N ARG A 609 13.42 -28.47 -8.58
CA ARG A 609 13.63 -29.89 -8.61
C ARG A 609 12.48 -30.47 -7.82
N PHE A 610 11.70 -31.38 -8.41
CA PHE A 610 10.59 -32.05 -7.73
C PHE A 610 10.80 -33.55 -7.77
N TRP A 611 10.47 -34.21 -6.65
CA TRP A 611 10.49 -35.64 -6.54
C TRP A 611 9.10 -36.14 -6.10
N ARG A 612 8.64 -37.25 -6.67
CA ARG A 612 7.54 -38.05 -6.12
C ARG A 612 8.18 -39.26 -5.52
N CYS A 613 7.91 -39.52 -4.24
CA CYS A 613 8.61 -40.56 -3.49
C CYS A 613 7.61 -41.48 -2.84
N SER A 614 8.06 -42.68 -2.49
CA SER A 614 7.18 -43.67 -1.90
C SER A 614 7.87 -44.75 -1.09
N ASN A 615 7.12 -45.32 -0.16
CA ASN A 615 7.41 -46.62 0.42
C ASN A 615 6.10 -47.43 0.31
N SER A 616 6.03 -48.60 0.93
CA SER A 616 4.79 -49.39 1.02
C SER A 616 3.58 -48.62 1.60
N LYS A 617 3.85 -47.72 2.55
CA LYS A 617 2.84 -47.04 3.38
C LYS A 617 2.38 -45.69 2.85
N LYS A 618 3.34 -44.89 2.37
CA LYS A 618 3.15 -43.49 2.05
C LYS A 618 3.67 -43.15 0.66
N VAL A 619 3.09 -42.10 0.09
CA VAL A 619 3.62 -41.41 -1.07
C VAL A 619 3.76 -39.98 -0.64
N TRP A 620 4.79 -39.29 -1.12
CA TRP A 620 4.96 -37.85 -0.85
C TRP A 620 5.75 -37.14 -1.94
N TYR A 621 5.70 -35.82 -1.90
CA TYR A 621 6.51 -34.95 -2.74
C TYR A 621 7.66 -34.36 -1.91
N GLU A 622 8.84 -34.29 -2.51
CA GLU A 622 9.94 -33.47 -2.03
C GLU A 622 10.22 -32.44 -3.11
N TRP A 623 10.80 -31.31 -2.73
CA TRP A 623 11.16 -30.26 -3.70
C TRP A 623 12.27 -29.36 -3.25
N ALA A 624 12.93 -28.75 -4.22
CA ALA A 624 14.03 -27.80 -3.95
C ALA A 624 14.23 -26.87 -5.11
N VAL A 625 14.55 -25.62 -4.79
CA VAL A 625 15.01 -24.62 -5.73
C VAL A 625 16.53 -24.73 -5.76
N THR A 626 17.12 -24.82 -6.94
CA THR A 626 18.58 -24.90 -7.14
C THR A 626 19.22 -23.67 -7.82
N ALA A 627 18.40 -22.83 -8.46
CA ALA A 627 18.86 -21.54 -9.04
C ALA A 627 17.71 -20.53 -8.94
N PRO A 628 17.98 -19.22 -8.81
CA PRO A 628 19.32 -18.60 -8.74
C PRO A 628 20.10 -18.79 -7.41
N VAL A 629 19.46 -19.37 -6.39
CA VAL A 629 20.10 -19.80 -5.13
C VAL A 629 19.46 -21.10 -4.67
N CYS A 630 20.22 -21.90 -3.91
CA CYS A 630 19.73 -23.17 -3.35
C CYS A 630 18.82 -22.95 -2.14
N SER A 631 17.65 -23.58 -2.18
CA SER A 631 16.88 -23.86 -0.96
C SER A 631 17.30 -25.20 -0.40
N ALA A 632 16.85 -25.46 0.81
CA ALA A 632 16.86 -26.81 1.38
C ALA A 632 15.88 -27.67 0.61
N ILE A 633 16.13 -28.98 0.61
CA ILE A 633 15.14 -29.94 0.14
C ILE A 633 14.00 -29.89 1.15
N HIS A 634 12.81 -29.71 0.62
CA HIS A 634 11.59 -29.62 1.38
C HIS A 634 10.91 -30.98 1.45
N ASN A 635 10.32 -31.25 2.61
CA ASN A 635 9.65 -32.48 2.98
C ASN A 635 10.51 -33.73 2.77
N PRO A 636 11.79 -33.67 3.16
CA PRO A 636 12.63 -34.86 3.03
C PRO A 636 12.08 -36.07 3.81
N THR A 637 11.93 -37.20 3.12
CA THR A 637 11.37 -38.46 3.64
C THR A 637 9.92 -38.34 4.17
N GLY A 638 9.15 -37.40 3.62
CA GLY A 638 7.81 -37.11 4.13
C GLY A 638 7.70 -36.68 5.61
N ARG A 639 8.75 -36.11 6.20
CA ARG A 639 8.74 -35.71 7.61
C ARG A 639 7.61 -34.75 8.03
N SER A 640 7.21 -33.87 7.12
CA SER A 640 6.13 -32.89 7.32
C SER A 640 4.80 -33.25 6.67
N TYR A 641 4.84 -34.04 5.59
CA TYR A 641 3.66 -34.33 4.78
C TYR A 641 3.77 -35.67 4.04
N THR A 642 2.78 -36.53 4.24
CA THR A 642 2.67 -37.78 3.50
C THR A 642 1.27 -37.93 2.95
N ILE A 643 1.15 -38.79 1.94
CA ILE A 643 -0.13 -39.13 1.32
C ILE A 643 -0.31 -40.62 1.57
N GLY A 644 -1.43 -40.98 2.20
CA GLY A 644 -1.62 -42.31 2.72
C GLY A 644 -1.95 -43.27 1.58
N LEU A 645 -1.21 -44.38 1.52
CA LEU A 645 -1.54 -45.49 0.63
C LEU A 645 -2.53 -46.42 1.30
N MET B 35 -7.71 34.49 22.02
CA MET B 35 -6.52 34.31 21.12
C MET B 35 -5.82 33.01 21.47
N GLU B 36 -5.49 32.24 20.43
CA GLU B 36 -4.96 30.89 20.61
C GLU B 36 -3.48 30.89 21.04
N ARG B 37 -3.12 29.89 21.83
CA ARG B 37 -1.86 29.83 22.62
C ARG B 37 -0.58 29.93 21.76
N GLN B 38 -0.56 29.23 20.62
CA GLN B 38 0.65 29.01 19.83
C GLN B 38 0.87 30.15 18.82
N LEU B 39 1.66 31.15 19.22
CA LEU B 39 1.97 32.29 18.38
C LEU B 39 2.96 31.89 17.31
N GLU B 40 2.55 32.01 16.04
CA GLU B 40 3.35 31.61 14.88
C GLU B 40 4.08 32.74 14.15
N ALA B 41 3.44 33.92 14.08
CA ALA B 41 3.91 35.04 13.27
C ALA B 41 3.83 36.38 14.01
N ALA B 42 4.73 37.29 13.63
CA ALA B 42 4.86 38.63 14.19
C ALA B 42 5.61 39.50 13.19
N ARG B 43 4.93 40.49 12.59
CA ARG B 43 5.52 41.39 11.57
C ARG B 43 5.03 42.82 11.78
N TYR B 44 5.97 43.79 11.79
CA TYR B 44 5.62 45.23 11.81
C TYR B 44 5.34 45.77 10.40
N ARG B 45 4.32 46.64 10.28
CA ARG B 45 4.17 47.52 9.10
C ARG B 45 4.89 48.87 9.34
N SER B 46 4.90 49.71 8.30
CA SER B 46 5.64 50.99 8.27
C SER B 46 5.47 51.88 9.50
N ASP B 47 4.22 52.03 9.95
CA ASP B 47 3.88 52.87 11.12
C ASP B 47 4.05 52.24 12.53
N GLY B 48 4.79 51.12 12.64
CA GLY B 48 5.05 50.46 13.93
C GLY B 48 3.91 49.67 14.58
N ALA B 49 2.86 49.35 13.81
CA ALA B 49 1.75 48.52 14.29
C ALA B 49 2.08 47.04 14.06
N LEU B 50 1.78 46.21 15.06
CA LEU B 50 2.20 44.79 15.12
C LEU B 50 1.10 43.84 14.65
N LEU B 51 1.43 43.01 13.65
CA LEU B 51 0.54 41.96 13.15
C LEU B 51 0.92 40.65 13.80
N LEU B 52 -0.01 40.03 14.54
CA LEU B 52 0.17 38.67 15.09
C LEU B 52 -0.69 37.63 14.37
N GLY B 53 -0.08 36.45 14.16
CA GLY B 53 -0.75 35.23 13.72
C GLY B 53 -0.59 34.15 14.78
N ALA B 54 -1.65 33.39 15.02
CA ALA B 54 -1.71 32.34 16.05
C ALA B 54 -2.50 31.12 15.58
N SER B 55 -2.13 29.95 16.11
CA SER B 55 -2.85 28.70 15.92
C SER B 55 -3.18 28.16 17.32
N SER B 56 -4.26 27.39 17.43
CA SER B 56 -4.39 26.40 18.52
C SER B 56 -3.86 25.09 17.92
N LEU B 57 -2.66 24.71 18.35
CA LEU B 57 -2.02 23.44 17.98
C LEU B 57 -2.30 22.29 18.96
N SER B 58 -3.16 22.52 19.96
CA SER B 58 -3.65 21.47 20.82
C SER B 58 -5.06 21.77 21.34
N GLY B 59 -5.59 20.88 22.18
CA GLY B 59 -6.96 20.99 22.70
C GLY B 59 -8.02 20.67 21.65
N ARG B 60 -9.26 21.01 21.98
CA ARG B 60 -10.46 20.67 21.19
C ARG B 60 -10.43 21.17 19.74
N CYS B 61 -10.33 22.48 19.61
CA CYS B 61 -10.49 23.21 18.35
C CYS B 61 -9.09 23.59 17.82
N TRP B 62 -8.76 23.14 16.61
CA TRP B 62 -7.48 23.40 15.94
C TRP B 62 -7.64 24.44 14.84
N ALA B 63 -7.86 25.67 15.29
CA ALA B 63 -8.13 26.82 14.43
C ALA B 63 -6.94 27.79 14.44
N GLY B 64 -7.13 28.97 13.86
CA GLY B 64 -6.18 30.07 13.98
C GLY B 64 -6.85 31.43 14.02
N SER B 65 -6.02 32.47 13.99
CA SER B 65 -6.49 33.86 14.13
C SER B 65 -5.44 34.91 13.75
N LEU B 66 -5.94 36.10 13.43
CA LEU B 66 -5.13 37.22 12.93
C LEU B 66 -5.45 38.44 13.77
N TRP B 67 -4.41 39.14 14.25
CA TRP B 67 -4.53 40.24 15.22
C TRP B 67 -3.66 41.43 14.84
N LEU B 68 -4.24 42.64 14.86
CA LEU B 68 -3.48 43.89 14.74
C LEU B 68 -3.44 44.63 16.08
N PHE B 69 -2.22 44.90 16.55
CA PHE B 69 -1.95 45.75 17.71
C PHE B 69 -1.33 47.06 17.25
N LYS B 70 -2.09 48.16 17.36
CA LYS B 70 -1.56 49.54 17.20
C LYS B 70 -0.65 49.94 18.37
N ASP B 71 -0.95 49.42 19.58
CA ASP B 71 0.00 49.40 20.72
C ASP B 71 0.65 47.99 20.85
N PRO B 72 1.91 47.83 20.36
CA PRO B 72 2.76 46.65 20.57
C PRO B 72 2.96 46.13 21.99
N CYS B 73 3.18 47.03 22.95
CA CYS B 73 3.39 46.62 24.35
C CYS B 73 2.14 46.04 25.04
N ALA B 74 0.95 46.28 24.49
CA ALA B 74 -0.29 45.60 24.91
C ALA B 74 -0.35 44.12 24.50
N ALA B 75 0.33 43.75 23.40
CA ALA B 75 0.37 42.35 22.93
C ALA B 75 1.10 41.44 23.95
N PRO B 76 0.63 40.20 24.17
CA PRO B 76 -0.46 39.52 23.44
C PRO B 76 -1.92 39.87 23.81
N ASN B 77 -2.16 40.77 24.77
CA ASN B 77 -3.46 40.91 25.46
C ASN B 77 -4.64 41.29 24.53
N GLU B 78 -5.65 40.45 24.50
CA GLU B 78 -6.70 40.41 23.45
C GLU B 78 -7.66 41.59 23.47
N GLY B 79 -8.25 41.85 24.64
CA GLY B 79 -9.21 42.93 24.84
C GLY B 79 -8.70 44.36 24.65
N PHE B 80 -7.37 44.55 24.67
CA PHE B 80 -6.72 45.84 24.44
C PHE B 80 -5.83 45.76 23.17
N CYS B 81 -6.52 45.52 22.06
CA CYS B 81 -5.96 45.50 20.71
C CYS B 81 -6.87 46.22 19.71
N SER B 82 -6.33 46.48 18.52
CA SER B 82 -7.01 47.29 17.48
C SER B 82 -8.02 46.50 16.65
N ALA B 83 -7.63 45.28 16.26
CA ALA B 83 -8.49 44.39 15.48
C ALA B 83 -8.10 42.92 15.67
N GLY B 84 -9.06 42.04 15.41
CA GLY B 84 -8.88 40.59 15.55
C GLY B 84 -9.94 39.80 14.80
N VAL B 85 -9.57 38.61 14.30
CA VAL B 85 -10.50 37.74 13.57
C VAL B 85 -10.14 36.26 13.70
N GLN B 86 -11.18 35.43 13.63
CA GLN B 86 -11.10 33.97 13.61
C GLN B 86 -10.94 33.53 12.16
N THR B 87 -9.89 32.75 11.88
CA THR B 87 -9.81 31.92 10.65
C THR B 87 -10.37 30.52 10.94
N GLU B 88 -10.71 29.81 9.86
CA GLU B 88 -11.22 28.43 9.96
C GLU B 88 -10.17 27.41 10.44
N ALA B 89 -8.90 27.63 10.10
CA ALA B 89 -7.80 26.72 10.40
C ALA B 89 -6.56 27.49 10.81
N GLY B 90 -5.53 26.78 11.25
CA GLY B 90 -4.32 27.36 11.81
C GLY B 90 -3.48 28.20 10.86
N VAL B 91 -2.63 29.03 11.46
CA VAL B 91 -1.75 29.94 10.76
C VAL B 91 -0.38 29.31 10.89
N ALA B 92 0.15 28.82 9.77
CA ALA B 92 1.53 28.31 9.66
C ALA B 92 2.51 29.44 9.38
N ASP B 93 2.11 30.36 8.50
CA ASP B 93 2.90 31.56 8.22
C ASP B 93 2.00 32.64 7.64
N LEU B 94 2.40 33.89 7.81
CA LEU B 94 1.77 35.01 7.12
C LEU B 94 2.80 36.05 6.72
N THR B 95 2.33 37.07 6.02
CA THR B 95 3.09 38.29 5.81
C THR B 95 2.17 39.47 5.45
N TRP B 96 2.67 40.67 5.72
CA TRP B 96 2.01 41.91 5.31
C TRP B 96 2.04 42.02 3.78
N VAL B 97 0.99 42.63 3.21
CA VAL B 97 0.89 42.97 1.79
C VAL B 97 0.79 44.50 1.77
N GLY B 98 1.95 45.13 1.89
CA GLY B 98 2.04 46.57 2.05
C GLY B 98 1.57 46.96 3.43
N GLU B 99 0.52 47.76 3.50
CA GLU B 99 0.03 48.39 4.75
C GLU B 99 -1.29 47.85 5.31
N ARG B 100 -2.16 47.31 4.45
CA ARG B 100 -3.51 46.83 4.87
C ARG B 100 -3.87 45.36 4.61
N GLY B 101 -3.18 44.70 3.68
CA GLY B 101 -3.45 43.28 3.33
C GLY B 101 -2.63 42.30 4.15
N ILE B 102 -3.22 41.14 4.42
CA ILE B 102 -2.61 40.09 5.25
C ILE B 102 -2.69 38.79 4.44
N LEU B 103 -1.54 38.32 3.94
CA LEU B 103 -1.48 37.06 3.19
C LEU B 103 -1.13 35.92 4.15
N VAL B 104 -1.91 34.84 4.10
CA VAL B 104 -1.90 33.79 5.14
C VAL B 104 -1.72 32.41 4.51
N ALA B 105 -0.81 31.64 5.10
CA ALA B 105 -0.59 30.21 4.78
C ALA B 105 -1.37 29.33 5.78
N SER B 106 -2.46 28.71 5.30
CA SER B 106 -3.38 27.91 6.13
C SER B 106 -3.03 26.42 6.16
N ASP B 107 -3.38 25.75 7.26
CA ASP B 107 -3.40 24.27 7.35
C ASP B 107 -4.34 23.61 6.35
N SER B 108 -5.46 24.29 6.04
CA SER B 108 -6.47 23.82 5.07
C SER B 108 -5.99 23.52 3.63
N GLY B 109 -4.85 24.09 3.24
CA GLY B 109 -4.41 24.13 1.84
C GLY B 109 -4.68 25.48 1.19
N ALA B 110 -5.46 26.34 1.85
CA ALA B 110 -5.76 27.67 1.34
C ALA B 110 -4.58 28.60 1.55
N VAL B 111 -4.28 29.37 0.50
CA VAL B 111 -3.60 30.66 0.62
C VAL B 111 -4.76 31.66 0.72
N GLU B 112 -4.72 32.47 1.77
CA GLU B 112 -5.81 33.40 2.13
C GLU B 112 -5.30 34.82 2.09
N LEU B 113 -6.06 35.72 1.47
CA LEU B 113 -5.87 37.16 1.59
C LEU B 113 -7.01 37.77 2.40
N TRP B 114 -6.65 38.30 3.57
CA TRP B 114 -7.51 39.15 4.38
C TRP B 114 -7.08 40.60 4.20
N GLU B 115 -8.05 41.52 4.20
CA GLU B 115 -7.81 42.99 4.11
C GLU B 115 -8.42 43.72 5.31
N LEU B 116 -7.71 44.74 5.79
CA LEU B 116 -8.30 45.73 6.71
C LEU B 116 -9.35 46.55 5.98
N ASP B 117 -10.41 46.91 6.69
CA ASP B 117 -11.47 47.81 6.18
C ASP B 117 -10.97 49.26 6.09
N GLU B 118 -11.86 50.18 5.67
CA GLU B 118 -11.56 51.64 5.61
C GLU B 118 -11.09 52.23 6.96
N ASN B 119 -11.60 51.71 8.07
CA ASN B 119 -11.22 52.12 9.45
C ASN B 119 -10.07 51.35 10.13
N GLU B 120 -9.71 50.17 9.61
CA GLU B 120 -8.70 49.27 10.22
C GLU B 120 -9.05 48.76 11.64
N THR B 121 -10.35 48.59 11.92
CA THR B 121 -10.86 47.95 13.14
C THR B 121 -11.40 46.53 12.90
N LEU B 122 -11.79 46.21 11.65
CA LEU B 122 -12.15 44.86 11.19
C LEU B 122 -11.07 44.27 10.25
N ILE B 123 -11.09 42.93 10.12
CA ILE B 123 -10.24 42.17 9.17
C ILE B 123 -11.18 41.23 8.39
N VAL B 124 -11.35 41.50 7.09
CA VAL B 124 -12.31 40.80 6.22
C VAL B 124 -11.54 39.97 5.20
N SER B 125 -12.02 38.75 4.95
CA SER B 125 -11.42 37.87 3.94
C SER B 125 -11.78 38.40 2.56
N LYS B 126 -10.75 38.74 1.78
CA LYS B 126 -10.92 39.11 0.36
C LYS B 126 -10.93 37.84 -0.50
N PHE B 127 -9.98 36.93 -0.27
CA PHE B 127 -10.05 35.56 -0.83
C PHE B 127 -9.48 34.46 0.07
N CYS B 128 -9.89 33.23 -0.26
CA CYS B 128 -9.43 32.00 0.38
C CYS B 128 -9.50 30.93 -0.70
N LYS B 129 -8.36 30.65 -1.34
CA LYS B 129 -8.29 29.75 -2.50
C LYS B 129 -7.61 28.41 -2.18
N TYR B 130 -8.39 27.32 -2.21
CA TYR B 130 -7.89 25.99 -1.84
C TYR B 130 -7.21 25.35 -3.06
N GLU B 131 -5.91 25.66 -3.25
CA GLU B 131 -5.12 25.19 -4.42
C GLU B 131 -3.94 24.24 -4.11
N HIS B 132 -3.28 24.42 -2.95
CA HIS B 132 -2.37 23.41 -2.40
C HIS B 132 -3.15 22.19 -1.84
N ASP B 133 -2.52 21.02 -1.91
CA ASP B 133 -3.08 19.75 -1.45
C ASP B 133 -2.73 19.32 -0.03
N ASP B 134 -1.89 20.09 0.65
CA ASP B 134 -1.53 19.87 2.05
C ASP B 134 -1.32 21.26 2.70
N ILE B 135 -1.04 21.24 4.01
CA ILE B 135 -0.67 22.42 4.80
C ILE B 135 0.23 23.37 4.00
N VAL B 136 -0.20 24.62 3.87
CA VAL B 136 0.63 25.67 3.28
C VAL B 136 1.48 26.14 4.45
N SER B 137 2.79 25.94 4.34
CA SER B 137 3.75 26.16 5.43
C SER B 137 4.40 27.53 5.42
N THR B 138 4.65 28.05 4.22
CA THR B 138 5.47 29.23 3.99
C THR B 138 4.83 30.06 2.88
N VAL B 139 4.86 31.39 3.08
CA VAL B 139 4.36 32.35 2.09
C VAL B 139 5.29 33.55 2.09
N SER B 140 5.39 34.21 0.94
CA SER B 140 6.25 35.37 0.77
C SER B 140 5.78 36.23 -0.42
N VAL B 141 5.53 37.51 -0.16
CA VAL B 141 5.10 38.49 -1.18
C VAL B 141 6.32 38.93 -1.99
N LEU B 142 6.15 38.94 -3.32
CA LEU B 142 7.20 39.35 -4.25
C LEU B 142 7.37 40.89 -4.27
N SER B 143 8.55 41.33 -4.70
CA SER B 143 9.01 42.74 -4.60
C SER B 143 8.00 43.83 -4.97
N SER B 144 7.39 43.68 -6.14
CA SER B 144 6.32 44.58 -6.64
C SER B 144 5.10 44.70 -5.71
N GLY B 145 4.72 43.60 -5.07
CA GLY B 145 3.52 43.54 -4.22
C GLY B 145 2.19 43.17 -4.88
N THR B 146 2.17 43.05 -6.22
CA THR B 146 1.01 42.45 -6.94
C THR B 146 0.96 40.92 -6.95
N GLN B 147 2.06 40.25 -6.59
CA GLN B 147 2.20 38.79 -6.63
C GLN B 147 2.90 38.23 -5.38
N ALA B 148 2.67 36.94 -5.14
CA ALA B 148 3.30 36.21 -4.04
C ALA B 148 3.60 34.76 -4.41
N VAL B 149 4.46 34.15 -3.58
CA VAL B 149 4.90 32.75 -3.70
C VAL B 149 4.53 32.01 -2.40
N SER B 150 4.03 30.78 -2.54
CA SER B 150 3.66 29.91 -1.41
C SER B 150 4.31 28.55 -1.58
N GLY B 151 4.75 27.97 -0.46
CA GLY B 151 5.30 26.61 -0.39
C GLY B 151 4.48 25.76 0.58
N SER B 152 4.39 24.47 0.27
CA SER B 152 3.56 23.52 1.02
C SER B 152 4.22 22.17 1.27
N LYS B 153 3.62 21.43 2.20
CA LYS B 153 3.95 20.02 2.44
C LYS B 153 3.67 19.13 1.21
N ASP B 154 2.69 19.50 0.38
CA ASP B 154 2.43 18.83 -0.91
C ASP B 154 3.55 18.87 -1.97
N ILE B 155 4.68 19.52 -1.63
CA ILE B 155 5.94 19.52 -2.37
C ILE B 155 5.98 20.71 -3.38
N CYS B 156 4.82 21.27 -3.74
CA CYS B 156 4.71 22.29 -4.76
C CYS B 156 5.04 23.71 -4.23
N ILE B 157 5.52 24.56 -5.13
CA ILE B 157 5.63 25.99 -4.95
C ILE B 157 4.71 26.62 -5.99
N LYS B 158 3.88 27.57 -5.56
CA LYS B 158 2.89 28.23 -6.43
C LYS B 158 3.08 29.74 -6.45
N VAL B 159 3.09 30.33 -7.65
CA VAL B 159 3.15 31.79 -7.86
C VAL B 159 1.73 32.31 -8.09
N TRP B 160 1.37 33.34 -7.31
CA TRP B 160 0.01 33.87 -7.23
C TRP B 160 -0.08 35.28 -7.82
N ASP B 161 -1.21 35.55 -8.49
CA ASP B 161 -1.63 36.91 -8.84
C ASP B 161 -2.62 37.36 -7.75
N LEU B 162 -2.17 38.28 -6.89
CA LEU B 162 -2.98 38.78 -5.76
C LEU B 162 -4.20 39.61 -6.19
N ALA B 163 -4.08 40.30 -7.33
CA ALA B 163 -5.20 41.05 -7.91
C ALA B 163 -6.27 40.13 -8.49
N GLN B 164 -5.86 39.29 -9.45
CA GLN B 164 -6.77 38.36 -10.14
C GLN B 164 -7.21 37.15 -9.30
N GLN B 165 -6.49 36.86 -8.20
CA GLN B 165 -6.85 35.80 -7.22
C GLN B 165 -6.78 34.38 -7.83
N VAL B 166 -5.70 34.14 -8.57
CA VAL B 166 -5.45 32.87 -9.29
C VAL B 166 -3.98 32.46 -9.21
N VAL B 167 -3.71 31.18 -9.45
CA VAL B 167 -2.34 30.67 -9.57
C VAL B 167 -1.87 30.89 -11.02
N LEU B 168 -0.85 31.74 -11.18
CA LEU B 168 -0.18 31.96 -12.48
C LEU B 168 0.66 30.74 -12.88
N SER B 169 1.51 30.31 -11.93
CA SER B 169 2.44 29.20 -12.13
C SER B 169 2.45 28.25 -10.93
N SER B 170 2.59 26.96 -11.20
CA SER B 170 2.66 25.90 -10.17
C SER B 170 3.87 25.00 -10.46
N TYR B 171 4.85 24.99 -9.54
CA TYR B 171 6.15 24.32 -9.72
C TYR B 171 6.39 23.15 -8.74
N ARG B 172 6.52 21.94 -9.27
CA ARG B 172 6.94 20.73 -8.51
C ARG B 172 8.43 20.44 -8.78
N ALA B 173 9.27 21.33 -8.25
CA ALA B 173 10.74 21.21 -8.34
C ALA B 173 11.32 20.32 -7.26
N HIS B 174 10.74 20.40 -6.06
CA HIS B 174 11.21 19.62 -4.91
C HIS B 174 10.73 18.16 -4.92
N ALA B 175 11.33 17.37 -4.02
CA ALA B 175 10.99 15.97 -3.77
C ALA B 175 10.45 15.68 -2.36
N ALA B 176 10.21 16.75 -1.59
CA ALA B 176 9.74 16.66 -0.21
C ALA B 176 9.10 17.98 0.19
N GLN B 177 8.67 18.11 1.44
CA GLN B 177 8.06 19.34 1.99
C GLN B 177 8.84 20.62 1.68
N VAL B 178 8.14 21.68 1.29
CA VAL B 178 8.74 23.01 1.08
C VAL B 178 8.74 23.73 2.44
N THR B 179 9.91 23.79 3.08
CA THR B 179 10.08 24.34 4.42
C THR B 179 9.98 25.88 4.44
N CYS B 180 10.56 26.52 3.43
CA CYS B 180 10.60 27.98 3.35
C CYS B 180 10.68 28.45 1.91
N VAL B 181 9.95 29.52 1.58
CA VAL B 181 10.16 30.30 0.36
C VAL B 181 10.40 31.75 0.77
N ALA B 182 11.29 32.44 0.07
CA ALA B 182 11.69 33.82 0.38
C ALA B 182 11.88 34.63 -0.92
N ALA B 183 10.96 35.58 -1.12
CA ALA B 183 10.98 36.48 -2.28
C ALA B 183 12.20 37.38 -2.29
N SER B 184 12.77 37.60 -3.47
CA SER B 184 13.86 38.58 -3.66
C SER B 184 13.35 39.99 -3.35
N PRO B 185 14.09 40.78 -2.52
CA PRO B 185 13.67 42.15 -2.14
C PRO B 185 13.27 43.04 -3.32
N HIS B 186 14.07 43.01 -4.40
CA HIS B 186 13.95 43.95 -5.53
C HIS B 186 13.63 43.37 -6.91
N LYS B 187 13.69 42.05 -7.06
CA LYS B 187 13.47 41.40 -8.35
C LYS B 187 12.22 40.54 -8.26
N ASP B 188 11.20 40.89 -9.04
CA ASP B 188 9.88 40.26 -8.95
C ASP B 188 9.87 38.80 -9.43
N SER B 189 10.73 38.48 -10.40
CA SER B 189 10.89 37.13 -10.93
C SER B 189 11.79 36.20 -10.11
N VAL B 190 12.55 36.73 -9.14
CA VAL B 190 13.53 35.95 -8.35
C VAL B 190 12.96 35.61 -6.96
N PHE B 191 13.25 34.38 -6.50
CA PHE B 191 13.05 33.98 -5.10
C PHE B 191 13.86 32.73 -4.73
N LEU B 192 14.00 32.50 -3.44
CA LEU B 192 14.64 31.31 -2.91
C LEU B 192 13.56 30.41 -2.38
N SER B 193 13.76 29.11 -2.54
CA SER B 193 13.01 28.07 -1.79
C SER B 193 13.97 27.05 -1.21
N CYS B 194 13.55 26.42 -0.12
CA CYS B 194 14.27 25.28 0.44
C CYS B 194 13.31 24.23 0.97
N SER B 195 13.87 23.04 1.19
CA SER B 195 13.05 21.86 1.34
C SER B 195 13.73 20.72 2.07
N GLU B 196 12.90 19.77 2.49
CA GLU B 196 13.35 18.57 3.18
C GLU B 196 14.04 17.54 2.28
N ASP B 197 14.04 17.76 0.96
CA ASP B 197 14.94 17.06 0.01
C ASP B 197 16.41 17.58 -0.02
N ASN B 198 16.75 18.55 0.84
CA ASN B 198 18.11 19.09 1.01
C ASN B 198 18.56 19.98 -0.16
N ARG B 199 17.60 20.59 -0.87
CA ARG B 199 17.85 21.53 -1.95
C ARG B 199 17.51 22.91 -1.48
N ILE B 200 18.42 23.85 -1.71
CA ILE B 200 18.11 25.28 -1.74
C ILE B 200 18.09 25.59 -3.23
N LEU B 201 16.91 25.97 -3.74
CA LEU B 201 16.74 26.39 -5.12
C LEU B 201 16.65 27.92 -5.26
N LEU B 202 17.56 28.50 -6.06
CA LEU B 202 17.44 29.89 -6.55
C LEU B 202 16.55 29.89 -7.78
N TRP B 203 15.43 30.60 -7.71
CA TRP B 203 14.45 30.66 -8.80
C TRP B 203 14.65 31.93 -9.58
N ASP B 204 14.29 31.85 -10.86
CA ASP B 204 14.23 33.00 -11.76
C ASP B 204 13.22 32.64 -12.87
N THR B 205 11.97 33.07 -12.68
CA THR B 205 10.84 32.89 -13.63
C THR B 205 11.13 33.24 -15.12
N ARG B 206 12.09 34.11 -15.37
CA ARG B 206 12.52 34.47 -16.74
C ARG B 206 13.19 33.32 -17.54
N CYS B 207 13.78 32.34 -16.85
CA CYS B 207 14.40 31.15 -17.48
C CYS B 207 13.39 30.03 -17.79
N PRO B 208 13.54 29.34 -18.96
CA PRO B 208 12.83 28.09 -19.27
C PRO B 208 12.90 27.00 -18.17
N LYS B 209 14.08 26.84 -17.57
CA LYS B 209 14.27 26.04 -16.34
C LYS B 209 14.54 27.02 -15.15
N PRO B 210 13.47 27.47 -14.46
CA PRO B 210 13.61 28.59 -13.50
C PRO B 210 14.46 28.31 -12.26
N ALA B 211 14.38 27.09 -11.71
CA ALA B 211 15.11 26.75 -10.49
C ALA B 211 16.56 26.40 -10.77
N SER B 212 17.44 26.75 -9.84
CA SER B 212 18.85 26.38 -9.88
C SER B 212 19.27 25.99 -8.46
N GLN B 213 19.90 24.82 -8.33
CA GLN B 213 20.33 24.28 -7.03
C GLN B 213 21.68 24.87 -6.56
N ILE B 214 21.75 25.31 -5.31
CA ILE B 214 22.92 26.01 -4.76
C ILE B 214 23.74 25.04 -3.90
N GLY B 220 25.51 18.10 3.63
CA GLY B 220 25.10 18.99 4.71
C GLY B 220 23.68 18.78 5.20
N TYR B 221 23.41 19.20 6.45
CA TYR B 221 22.09 19.04 7.10
C TYR B 221 21.02 19.91 6.47
N LEU B 222 19.76 19.52 6.64
CA LEU B 222 18.65 20.11 5.87
C LEU B 222 18.42 21.61 6.11
N PRO B 223 18.14 22.37 5.02
CA PRO B 223 17.90 23.81 5.15
C PRO B 223 16.49 24.10 5.64
N THR B 224 16.37 24.91 6.69
CA THR B 224 15.09 25.19 7.35
C THR B 224 14.54 26.61 7.21
N SER B 225 15.42 27.61 7.18
CA SER B 225 15.05 29.04 7.08
C SER B 225 15.89 29.76 6.03
N LEU B 226 15.30 30.79 5.39
CA LEU B 226 15.97 31.60 4.35
C LEU B 226 15.73 33.09 4.55
N ALA B 227 16.79 33.91 4.42
CA ALA B 227 16.67 35.38 4.43
C ALA B 227 17.60 36.03 3.40
N TRP B 228 17.04 36.84 2.50
CA TRP B 228 17.86 37.66 1.58
C TRP B 228 18.55 38.80 2.35
N HIS B 229 19.77 39.12 1.93
CA HIS B 229 20.47 40.32 2.41
C HIS B 229 19.70 41.55 1.86
N PRO B 230 19.28 42.50 2.72
CA PRO B 230 18.47 43.65 2.26
C PRO B 230 19.20 44.64 1.34
N GLN B 231 20.48 44.91 1.62
CA GLN B 231 21.34 45.79 0.79
C GLN B 231 22.13 45.15 -0.38
N GLN B 232 22.26 43.82 -0.42
CA GLN B 232 23.08 43.11 -1.42
C GLN B 232 22.26 42.08 -2.19
N SER B 233 21.82 42.46 -3.39
CA SER B 233 21.03 41.58 -4.31
C SER B 233 21.58 40.15 -4.52
N GLU B 234 22.90 40.01 -4.58
CA GLU B 234 23.57 38.73 -4.80
C GLU B 234 23.74 37.81 -3.56
N VAL B 235 23.43 38.30 -2.35
CA VAL B 235 23.72 37.58 -1.08
C VAL B 235 22.43 37.14 -0.36
N PHE B 236 22.49 35.95 0.27
CA PHE B 236 21.47 35.49 1.23
C PHE B 236 22.10 34.64 2.33
N VAL B 237 21.35 34.47 3.42
CA VAL B 237 21.71 33.55 4.52
C VAL B 237 20.72 32.38 4.57
N PHE B 238 21.18 31.21 5.05
CA PHE B 238 20.27 30.07 5.33
C PHE B 238 20.60 29.39 6.67
N GLY B 239 19.56 29.11 7.45
CA GLY B 239 19.67 28.37 8.70
C GLY B 239 19.34 26.93 8.43
N ASP B 240 20.09 25.99 9.03
CA ASP B 240 19.83 24.56 8.87
C ASP B 240 19.19 23.94 10.11
N GLU B 241 18.64 22.75 9.94
CA GLU B 241 18.03 21.98 11.04
C GLU B 241 18.94 21.57 12.22
N ASN B 242 20.26 21.62 12.02
CA ASN B 242 21.27 21.40 13.07
C ASN B 242 21.77 22.67 13.81
N GLY B 243 21.08 23.81 13.64
CA GLY B 243 21.44 25.05 14.34
C GLY B 243 22.63 25.82 13.79
N THR B 244 22.93 25.64 12.49
CA THR B 244 23.95 26.41 11.79
C THR B 244 23.29 27.45 10.89
N VAL B 245 23.76 28.70 10.99
CA VAL B 245 23.42 29.77 10.05
C VAL B 245 24.61 29.88 9.09
N SER B 246 24.30 29.91 7.79
CA SER B 246 25.30 29.97 6.71
C SER B 246 25.03 31.17 5.80
N LEU B 247 26.11 31.78 5.29
CA LEU B 247 26.07 32.99 4.43
C LEU B 247 26.54 32.59 3.04
N VAL B 248 25.73 32.91 2.02
CA VAL B 248 25.90 32.38 0.66
C VAL B 248 25.81 33.51 -0.39
N ASP B 249 26.86 33.61 -1.23
CA ASP B 249 26.86 34.44 -2.44
C ASP B 249 26.33 33.55 -3.59
N THR B 250 25.48 34.14 -4.44
CA THR B 250 24.93 33.44 -5.63
C THR B 250 26.03 32.99 -6.60
N LYS B 251 27.07 33.81 -6.75
CA LYS B 251 28.31 33.41 -7.42
C LYS B 251 29.25 32.74 -6.40
N SER B 252 29.62 31.48 -6.66
CA SER B 252 30.57 30.69 -5.82
C SER B 252 30.04 30.34 -4.44
N CYS B 255 27.42 27.23 1.43
CA CYS B 255 27.91 27.08 2.80
C CYS B 255 29.36 27.60 2.99
N VAL B 256 29.58 28.86 2.60
CA VAL B 256 30.92 29.49 2.55
C VAL B 256 31.42 29.94 3.95
N LEU B 257 30.88 31.03 4.51
CA LEU B 257 31.03 31.38 5.95
C LEU B 257 29.82 30.84 6.74
N SER B 258 30.06 30.31 7.94
CA SER B 258 28.99 29.83 8.83
C SER B 258 29.39 29.70 10.30
N SER B 259 28.39 29.76 11.18
CA SER B 259 28.55 29.63 12.65
C SER B 259 27.50 28.68 13.23
N ALA B 260 27.91 27.92 14.25
CA ALA B 260 26.99 27.11 15.08
C ALA B 260 26.33 28.04 16.11
N VAL B 261 25.17 28.59 15.73
CA VAL B 261 24.48 29.61 16.53
C VAL B 261 23.62 28.93 17.60
N HIS B 262 22.75 28.01 17.18
CA HIS B 262 21.79 27.31 18.06
C HIS B 262 22.15 25.83 18.25
N SER B 263 21.57 25.24 19.30
CA SER B 263 21.68 23.81 19.59
C SER B 263 20.67 22.95 18.81
N GLN B 264 19.58 23.57 18.34
CA GLN B 264 18.56 22.93 17.52
C GLN B 264 18.22 23.75 16.28
N CYS B 265 17.30 23.23 15.47
CA CYS B 265 16.81 23.84 14.22
C CYS B 265 16.67 25.37 14.22
N VAL B 266 17.11 26.00 13.11
CA VAL B 266 16.94 27.43 12.88
C VAL B 266 15.63 27.64 12.12
N THR B 267 14.61 28.12 12.84
CA THR B 267 13.25 28.31 12.31
C THR B 267 13.10 29.54 11.41
N GLY B 268 13.75 30.64 11.79
CA GLY B 268 13.60 31.92 11.09
C GLY B 268 14.88 32.77 11.09
N LEU B 269 15.02 33.57 10.05
CA LEU B 269 16.14 34.49 9.93
C LEU B 269 15.58 35.83 9.45
N VAL B 270 15.81 36.88 10.24
CA VAL B 270 15.21 38.21 10.00
C VAL B 270 16.32 39.24 10.07
N PHE B 271 16.65 39.83 8.93
CA PHE B 271 17.57 40.96 8.87
C PHE B 271 16.89 42.21 9.43
N SER B 272 17.70 43.03 10.09
CA SER B 272 17.24 44.29 10.70
C SER B 272 17.03 45.40 9.67
N PRO B 273 16.34 46.51 10.07
CA PRO B 273 16.14 47.63 9.14
C PRO B 273 17.35 48.59 8.99
N HIS B 274 18.45 48.38 9.75
CA HIS B 274 19.65 49.26 9.68
C HIS B 274 20.31 49.19 8.30
N SER B 275 21.00 50.27 7.94
CA SER B 275 21.82 50.33 6.71
C SER B 275 22.92 49.26 6.74
N VAL B 276 23.61 49.14 7.89
CA VAL B 276 24.51 48.03 8.22
C VAL B 276 23.73 46.98 9.05
N PRO B 277 22.97 46.07 8.38
CA PRO B 277 21.93 45.32 9.11
C PRO B 277 22.44 44.20 10.00
N PHE B 278 21.79 44.04 11.14
CA PHE B 278 21.95 42.86 12.01
C PHE B 278 21.01 41.74 11.58
N LEU B 279 21.38 40.50 11.91
CA LEU B 279 20.60 39.30 11.57
C LEU B 279 20.08 38.68 12.84
N ALA B 280 18.75 38.69 13.00
CA ALA B 280 18.06 37.95 14.07
C ALA B 280 17.91 36.49 13.65
N SER B 281 18.13 35.58 14.60
CA SER B 281 18.02 34.14 14.34
C SER B 281 17.26 33.45 15.48
N LEU B 282 16.27 32.66 15.08
CA LEU B 282 15.31 32.03 15.97
C LEU B 282 15.53 30.54 15.88
N SER B 283 14.99 29.84 16.87
CA SER B 283 15.17 28.41 16.93
C SER B 283 14.16 27.67 17.82
N GLU B 284 14.13 26.36 17.62
CA GLU B 284 13.43 25.42 18.48
C GLU B 284 14.13 25.23 19.83
N ASP B 285 15.43 25.58 19.93
CA ASP B 285 16.12 25.65 21.23
C ASP B 285 15.59 26.72 22.22
N CYS B 286 14.62 27.54 21.78
CA CYS B 286 13.86 28.48 22.62
C CYS B 286 14.72 29.70 22.96
N SER B 287 15.46 30.15 21.93
CA SER B 287 16.43 31.24 22.08
C SER B 287 16.49 32.13 20.84
N LEU B 288 16.65 33.43 21.10
CA LEU B 288 16.89 34.45 20.11
C LEU B 288 18.36 34.77 20.17
N ALA B 289 18.98 34.92 18.99
CA ALA B 289 20.31 35.48 18.85
C ALA B 289 20.30 36.54 17.75
N VAL B 290 20.96 37.66 18.01
CA VAL B 290 21.22 38.69 17.01
C VAL B 290 22.71 38.57 16.63
N LEU B 291 22.96 38.58 15.32
CA LEU B 291 24.27 38.34 14.71
C LEU B 291 24.71 39.53 13.84
N ASP B 292 26.03 39.70 13.75
CA ASP B 292 26.64 40.74 12.88
C ASP B 292 26.83 40.26 11.42
N SER B 293 27.50 41.08 10.60
CA SER B 293 27.99 40.73 9.25
C SER B 293 28.67 39.37 9.14
N SER B 294 29.56 39.08 10.10
CA SER B 294 30.36 37.84 10.13
C SER B 294 29.78 36.67 10.99
N LEU B 295 28.49 36.76 11.36
CA LEU B 295 27.78 35.75 12.17
C LEU B 295 28.31 35.52 13.61
N SER B 296 28.94 36.53 14.20
CA SER B 296 29.40 36.49 15.61
C SER B 296 28.26 36.83 16.57
N GLU B 297 28.28 36.19 17.74
CA GLU B 297 27.22 36.35 18.75
C GLU B 297 27.41 37.68 19.50
N LEU B 298 26.43 38.59 19.35
CA LEU B 298 26.36 39.88 20.06
C LEU B 298 25.32 39.84 21.19
N PHE B 299 24.08 39.54 20.85
CA PHE B 299 22.94 39.45 21.79
C PHE B 299 22.42 38.01 21.87
N ARG B 300 21.88 37.67 23.03
CA ARG B 300 21.35 36.32 23.31
C ARG B 300 20.25 36.42 24.36
N SER B 301 19.04 35.97 24.02
CA SER B 301 17.91 35.90 24.94
C SER B 301 17.32 34.48 25.09
N GLN B 302 17.33 33.96 26.31
CA GLN B 302 16.58 32.75 26.69
C GLN B 302 15.27 33.13 27.44
N ALA B 303 14.57 34.15 26.92
CA ALA B 303 13.34 34.66 27.53
C ALA B 303 12.17 33.75 27.25
N HIS B 304 12.09 33.28 26.00
CA HIS B 304 11.07 32.29 25.62
C HIS B 304 11.31 30.92 26.29
N ARG B 305 10.23 30.35 26.83
CA ARG B 305 10.21 29.01 27.44
C ARG B 305 9.68 27.89 26.51
N ASP B 306 9.03 28.27 25.39
CA ASP B 306 8.68 27.34 24.30
C ASP B 306 9.42 27.80 23.00
N PHE B 307 9.12 27.16 21.86
CA PHE B 307 9.77 27.47 20.58
C PHE B 307 9.54 28.90 20.14
N VAL B 308 10.59 29.53 19.62
CA VAL B 308 10.56 30.92 19.12
C VAL B 308 10.22 30.85 17.62
N ARG B 309 9.10 31.46 17.24
CA ARG B 309 8.46 31.26 15.93
C ARG B 309 8.59 32.39 14.92
N ASP B 310 8.61 33.63 15.38
CA ASP B 310 8.91 34.78 14.50
C ASP B 310 9.70 35.88 15.18
N ALA B 311 10.29 36.74 14.36
CA ALA B 311 10.95 37.98 14.82
C ALA B 311 10.67 39.12 13.86
N THR B 312 10.68 40.34 14.40
CA THR B 312 10.35 41.53 13.63
C THR B 312 10.91 42.77 14.32
N TRP B 313 11.68 43.55 13.56
CA TRP B 313 12.35 44.75 14.06
C TRP B 313 11.43 45.94 13.84
N SER B 314 11.27 46.76 14.88
CA SER B 314 10.46 47.98 14.81
C SER B 314 11.06 48.97 13.78
N PRO B 315 10.21 49.54 12.89
CA PRO B 315 10.67 50.63 12.01
C PRO B 315 10.69 52.02 12.66
N LEU B 316 10.11 52.15 13.86
CA LEU B 316 10.18 53.37 14.65
C LEU B 316 11.52 53.42 15.41
N ASN B 317 11.82 52.36 16.14
CA ASN B 317 13.10 52.17 16.83
C ASN B 317 13.83 50.93 16.26
N HIS B 318 14.90 51.17 15.50
CA HIS B 318 15.69 50.08 14.88
C HIS B 318 16.40 49.13 15.88
N SER B 319 16.65 49.57 17.12
CA SER B 319 17.25 48.72 18.16
C SER B 319 16.26 47.81 18.93
N LEU B 320 14.95 48.12 18.90
CA LEU B 320 13.93 47.23 19.49
C LEU B 320 13.66 46.10 18.51
N LEU B 321 13.73 44.86 19.00
CA LEU B 321 13.39 43.65 18.25
C LEU B 321 12.34 42.87 19.03
N THR B 322 11.27 42.48 18.34
CA THR B 322 10.16 41.78 18.93
C THR B 322 10.17 40.32 18.45
N THR B 323 10.06 39.39 19.40
CA THR B 323 9.82 37.97 19.11
C THR B 323 8.49 37.48 19.66
N VAL B 324 8.04 36.37 19.10
CA VAL B 324 6.88 35.62 19.57
C VAL B 324 7.18 34.13 19.58
N GLY B 325 6.48 33.41 20.46
CA GLY B 325 6.70 31.97 20.66
C GLY B 325 5.48 31.22 21.13
N TRP B 326 5.56 29.90 21.03
CA TRP B 326 4.47 29.00 21.47
C TRP B 326 4.14 29.03 22.98
N ASP B 327 4.97 29.67 23.78
CA ASP B 327 4.63 30.07 25.17
C ASP B 327 3.65 31.28 25.31
N HIS B 328 3.05 31.76 24.21
CA HIS B 328 2.12 32.90 24.21
C HIS B 328 2.77 34.20 24.73
N GLN B 329 4.07 34.36 24.49
CA GLN B 329 4.83 35.54 24.88
C GLN B 329 5.07 36.40 23.66
N VAL B 330 4.96 37.71 23.85
CA VAL B 330 5.45 38.71 22.92
C VAL B 330 6.56 39.37 23.71
N VAL B 331 7.81 39.06 23.39
CA VAL B 331 8.97 39.61 24.11
C VAL B 331 9.59 40.71 23.25
N HIS B 332 9.65 41.92 23.80
CA HIS B 332 10.28 43.09 23.19
C HIS B 332 11.71 43.24 23.73
N HIS B 333 12.68 42.87 22.90
CA HIS B 333 14.10 42.85 23.27
C HIS B 333 14.72 44.22 22.95
N VAL B 334 15.53 44.74 23.87
CA VAL B 334 16.35 45.94 23.64
C VAL B 334 17.73 45.44 23.16
N VAL B 335 17.96 45.51 21.85
CA VAL B 335 19.18 44.97 21.24
C VAL B 335 20.27 46.02 21.42
N PRO B 336 21.43 45.65 22.02
CA PRO B 336 22.55 46.61 22.09
C PRO B 336 23.21 46.80 20.71
N THR B 337 22.70 47.77 19.94
CA THR B 337 23.13 48.04 18.56
C THR B 337 24.37 48.93 18.47
#